data_2OG9
#
_entry.id   2OG9
#
_cell.length_a   133.416
_cell.length_b   133.416
_cell.length_c   87.434
_cell.angle_alpha   90.00
_cell.angle_beta   90.00
_cell.angle_gamma   90.00
#
_symmetry.space_group_name_H-M   'I 4'
#
loop_
_entity.id
_entity.type
_entity.pdbx_description
1 polymer 'Mandelate racemase/muconate lactonizing enzyme'
2 non-polymer 'CALCIUM ION'
3 water water
#
_entity_poly.entity_id   1
_entity_poly.type   'polypeptide(L)'
_entity_poly.pdbx_seq_one_letter_code
;(MSE)SLKTTTSSTPSDRITWVRISSCYLPLATPISDAKVLTGRQKP(MSE)TEIAILFAEIETAGGHQGLGFSYSKRAG
GPGQFAHAREIAPALIGEDPSDIAKLWDKLCWAGASAGRSGLSTQAIGAFDVALWDLKAKRAGLSLAKLLGSYRDSVRCY
NTSGGFLHTPIDQL(MSE)VNASASIERGIGGIKLKVGQPDGALDIARVTAVRKHLGDAVPL(MSE)VDANQQWDRPTAQ
R(MSE)CRIFEPFNLVWIEEPLDAYDHEGHAALALQFDTPIATGE(MSE)LTSAAEHGDLIRHRAADYL(MSE)PDAPRV
GGITPFLKIASLAEHAGL(MSE)LAPHFA(MSE)ELHVHLAAAYPREPWVEHFEWLEPLFNERIEIRDGR(MSE)LVPTR
PGLGLTLSGQVKAWTREEAQVGTRPEGHHHHHH
;
_entity_poly.pdbx_strand_id   A,B
#
loop_
_chem_comp.id
_chem_comp.type
_chem_comp.name
_chem_comp.formula
CA non-polymer 'CALCIUM ION' 'Ca 2'
#
# COMPACT_ATOMS: atom_id res chain seq x y z
N PRO A 11 7.46 -28.57 14.64
CA PRO A 11 6.44 -27.50 14.67
C PRO A 11 5.14 -28.02 15.28
N SER A 12 4.24 -27.11 15.66
CA SER A 12 2.97 -27.52 16.25
C SER A 12 2.20 -28.30 15.19
N ASP A 13 2.35 -27.87 13.94
CA ASP A 13 1.68 -28.48 12.80
C ASP A 13 2.47 -28.08 11.57
N ARG A 14 1.94 -28.38 10.38
CA ARG A 14 2.61 -28.04 9.15
C ARG A 14 1.59 -27.86 8.02
N ILE A 15 1.65 -26.70 7.36
CA ILE A 15 0.74 -26.39 6.26
C ILE A 15 1.10 -27.25 5.05
N THR A 16 0.12 -27.95 4.49
CA THR A 16 0.38 -28.80 3.35
C THR A 16 -0.40 -28.45 2.09
N TRP A 17 -1.49 -27.70 2.25
CA TRP A 17 -2.32 -27.35 1.10
C TRP A 17 -2.91 -25.96 1.27
N VAL A 18 -3.03 -25.24 0.16
CA VAL A 18 -3.60 -23.90 0.17
C VAL A 18 -4.38 -23.68 -1.11
N ARG A 19 -5.59 -23.15 -0.99
CA ARG A 19 -6.41 -22.86 -2.16
C ARG A 19 -6.95 -21.44 -2.11
N ILE A 20 -6.79 -20.71 -3.20
CA ILE A 20 -7.31 -19.35 -3.26
C ILE A 20 -8.35 -19.26 -4.37
N SER A 21 -9.39 -18.49 -4.10
CA SER A 21 -10.49 -18.33 -5.04
C SER A 21 -10.88 -16.86 -5.13
N SER A 22 -11.13 -16.39 -6.35
CA SER A 22 -11.56 -15.01 -6.55
C SER A 22 -13.03 -15.11 -6.92
N CYS A 23 -13.88 -14.79 -5.96
CA CYS A 23 -15.33 -14.88 -6.11
C CYS A 23 -15.99 -13.51 -6.27
N TYR A 24 -16.75 -13.33 -7.35
CA TYR A 24 -17.42 -12.07 -7.59
C TYR A 24 -18.87 -12.08 -7.13
N LEU A 25 -19.10 -11.42 -6.00
CA LEU A 25 -20.41 -11.33 -5.39
C LEU A 25 -21.28 -10.29 -6.07
N PRO A 26 -22.37 -10.73 -6.73
CA PRO A 26 -23.23 -9.75 -7.41
C PRO A 26 -24.11 -9.07 -6.36
N LEU A 27 -24.32 -7.78 -6.50
CA LEU A 27 -25.15 -7.06 -5.55
C LEU A 27 -26.57 -6.95 -6.09
N ALA A 28 -27.55 -7.29 -5.27
CA ALA A 28 -28.95 -7.23 -5.67
C ALA A 28 -29.33 -5.80 -6.02
N THR A 29 -28.61 -4.85 -5.43
CA THR A 29 -28.87 -3.44 -5.66
C THR A 29 -27.61 -2.64 -5.93
N PRO A 30 -27.43 -2.16 -7.17
CA PRO A 30 -26.24 -1.37 -7.53
C PRO A 30 -26.15 -0.11 -6.66
N ILE A 31 -24.93 0.31 -6.36
CA ILE A 31 -24.74 1.50 -5.53
C ILE A 31 -23.60 2.39 -6.02
N MSE A 44 -21.55 0.72 -8.56
CA MSE A 44 -20.94 -0.55 -8.18
C MSE A 44 -22.00 -1.65 -8.14
O MSE A 44 -22.98 -1.54 -7.41
CB MSE A 44 -20.26 -0.45 -6.81
CG MSE A 44 -19.62 -1.73 -6.34
SE MSE A 44 -18.57 -1.46 -4.75
CE MSE A 44 -19.92 -1.78 -3.41
N THR A 45 -21.79 -2.70 -8.93
CA THR A 45 -22.76 -3.79 -9.00
C THR A 45 -22.27 -5.12 -8.44
N GLU A 46 -21.02 -5.15 -8.00
CA GLU A 46 -20.45 -6.38 -7.45
C GLU A 46 -19.25 -6.12 -6.55
N ILE A 47 -18.88 -7.14 -5.77
CA ILE A 47 -17.73 -7.04 -4.87
C ILE A 47 -16.86 -8.28 -5.07
N ALA A 48 -15.57 -8.06 -5.32
CA ALA A 48 -14.65 -9.17 -5.52
C ALA A 48 -14.17 -9.70 -4.18
N ILE A 49 -14.41 -10.98 -3.91
CA ILE A 49 -13.99 -11.56 -2.64
C ILE A 49 -12.86 -12.56 -2.88
N LEU A 50 -11.80 -12.45 -2.11
CA LEU A 50 -10.68 -13.39 -2.24
C LEU A 50 -10.75 -14.37 -1.08
N PHE A 51 -11.05 -15.63 -1.38
CA PHE A 51 -11.11 -16.66 -0.35
C PHE A 51 -9.80 -17.43 -0.29
N ALA A 52 -9.37 -17.73 0.93
CA ALA A 52 -8.15 -18.51 1.13
C ALA A 52 -8.52 -19.68 2.04
N GLU A 53 -8.13 -20.88 1.61
CA GLU A 53 -8.38 -22.09 2.38
C GLU A 53 -7.02 -22.68 2.69
N ILE A 54 -6.82 -23.05 3.94
CA ILE A 54 -5.55 -23.63 4.39
C ILE A 54 -5.82 -24.92 5.15
N GLU A 55 -5.03 -25.94 4.85
CA GLU A 55 -5.16 -27.24 5.51
C GLU A 55 -3.77 -27.74 5.90
N THR A 56 -3.69 -28.50 6.98
CA THR A 56 -2.40 -28.98 7.48
C THR A 56 -2.27 -30.50 7.52
N ALA A 57 -1.04 -30.97 7.73
CA ALA A 57 -0.75 -32.39 7.81
C ALA A 57 -1.54 -32.99 8.97
N GLY A 58 -1.84 -32.15 9.97
CA GLY A 58 -2.58 -32.61 11.13
C GLY A 58 -4.08 -32.65 10.94
N GLY A 59 -4.55 -32.37 9.73
CA GLY A 59 -5.97 -32.40 9.46
C GLY A 59 -6.75 -31.16 9.88
N HIS A 60 -6.05 -30.07 10.19
CA HIS A 60 -6.70 -28.83 10.60
C HIS A 60 -7.00 -27.99 9.36
N GLN A 61 -8.04 -27.17 9.44
CA GLN A 61 -8.42 -26.35 8.30
C GLN A 61 -8.85 -24.94 8.71
N GLY A 62 -8.64 -24.00 7.81
CA GLY A 62 -9.02 -22.62 8.08
C GLY A 62 -9.52 -21.94 6.82
N LEU A 63 -10.41 -20.96 7.00
CA LEU A 63 -10.98 -20.21 5.90
C LEU A 63 -10.89 -18.73 6.23
N GLY A 64 -10.47 -17.93 5.26
CA GLY A 64 -10.35 -16.50 5.48
C GLY A 64 -10.66 -15.78 4.19
N PHE A 65 -10.72 -14.44 4.23
CA PHE A 65 -11.01 -13.70 3.02
C PHE A 65 -10.62 -12.24 3.11
N SER A 66 -10.51 -11.61 1.95
CA SER A 66 -10.23 -10.19 1.85
C SER A 66 -11.18 -9.78 0.73
N TYR A 67 -11.20 -8.50 0.36
CA TYR A 67 -12.13 -8.07 -0.67
C TYR A 67 -11.69 -6.78 -1.32
N SER A 68 -12.35 -6.44 -2.42
CA SER A 68 -12.09 -5.20 -3.13
C SER A 68 -13.43 -4.68 -3.64
N LYS A 69 -13.69 -3.41 -3.34
CA LYS A 69 -14.90 -2.75 -3.82
C LYS A 69 -14.31 -1.91 -4.95
N ARG A 70 -14.72 -2.21 -6.17
CA ARG A 70 -14.21 -1.55 -7.36
C ARG A 70 -12.88 -2.22 -7.70
N ALA A 71 -11.99 -1.54 -8.42
CA ALA A 71 -10.72 -2.17 -8.82
C ALA A 71 -9.91 -2.76 -7.66
N GLY A 72 -9.38 -3.96 -7.87
CA GLY A 72 -8.57 -4.58 -6.84
C GLY A 72 -8.62 -6.10 -6.79
N GLY A 73 -9.78 -6.67 -7.14
CA GLY A 73 -9.94 -8.11 -7.11
C GLY A 73 -8.87 -8.90 -7.86
N PRO A 74 -8.66 -8.59 -9.15
CA PRO A 74 -7.65 -9.29 -9.95
C PRO A 74 -6.23 -9.19 -9.34
N GLY A 75 -5.88 -8.00 -8.88
CA GLY A 75 -4.57 -7.81 -8.29
C GLY A 75 -4.35 -8.61 -7.03
N GLN A 76 -5.36 -8.65 -6.16
CA GLN A 76 -5.26 -9.41 -4.92
C GLN A 76 -5.08 -10.89 -5.20
N PHE A 77 -5.86 -11.42 -6.13
CA PHE A 77 -5.78 -12.83 -6.46
C PHE A 77 -4.41 -13.18 -7.03
N ALA A 78 -3.96 -12.40 -8.01
CA ALA A 78 -2.68 -12.63 -8.66
C ALA A 78 -1.54 -12.67 -7.65
N HIS A 79 -1.54 -11.73 -6.70
CA HIS A 79 -0.49 -11.71 -5.70
C HIS A 79 -0.62 -12.90 -4.74
N ALA A 80 -1.84 -13.18 -4.31
CA ALA A 80 -2.09 -14.31 -3.42
C ALA A 80 -1.56 -15.59 -4.04
N ARG A 81 -1.82 -15.77 -5.34
CA ARG A 81 -1.37 -16.96 -6.05
C ARG A 81 0.15 -17.04 -6.09
N GLU A 82 0.79 -15.90 -6.31
CA GLU A 82 2.25 -15.89 -6.38
C GLU A 82 2.94 -16.17 -5.05
N ILE A 83 2.37 -15.72 -3.93
CA ILE A 83 3.02 -15.95 -2.64
C ILE A 83 2.52 -17.18 -1.88
N ALA A 84 1.39 -17.74 -2.29
CA ALA A 84 0.84 -18.90 -1.60
C ALA A 84 1.86 -20.01 -1.30
N PRO A 85 2.72 -20.36 -2.27
CA PRO A 85 3.71 -21.42 -2.02
C PRO A 85 4.58 -21.21 -0.79
N ALA A 86 4.75 -19.95 -0.38
CA ALA A 86 5.58 -19.64 0.77
C ALA A 86 4.99 -20.17 2.08
N LEU A 87 3.72 -20.56 2.05
CA LEU A 87 3.07 -21.08 3.25
C LEU A 87 3.27 -22.57 3.45
N ILE A 88 3.50 -23.30 2.36
CA ILE A 88 3.68 -24.75 2.46
C ILE A 88 4.85 -25.15 3.36
N GLY A 89 4.59 -26.07 4.29
CA GLY A 89 5.62 -26.54 5.18
C GLY A 89 5.77 -25.76 6.47
N GLU A 90 5.15 -24.58 6.54
CA GLU A 90 5.24 -23.73 7.71
C GLU A 90 4.28 -24.11 8.84
N ASP A 91 4.66 -23.75 10.06
CA ASP A 91 3.85 -24.03 11.25
C ASP A 91 2.72 -22.97 11.24
N PRO A 92 1.46 -23.40 11.04
CA PRO A 92 0.33 -22.48 11.00
C PRO A 92 0.09 -21.67 12.27
N SER A 93 0.63 -22.11 13.41
CA SER A 93 0.43 -21.41 14.67
C SER A 93 1.23 -20.11 14.79
N ASP A 94 2.30 -19.99 14.00
CA ASP A 94 3.15 -18.79 14.04
C ASP A 94 2.58 -17.78 13.06
N ILE A 95 1.36 -17.32 13.35
CA ILE A 95 0.63 -16.41 12.49
C ILE A 95 1.32 -15.10 12.14
N ALA A 96 1.78 -14.36 13.15
CA ALA A 96 2.45 -13.08 12.90
C ALA A 96 3.72 -13.31 12.09
N LYS A 97 4.47 -14.34 12.45
CA LYS A 97 5.71 -14.70 11.77
C LYS A 97 5.47 -14.92 10.27
N LEU A 98 4.40 -15.65 9.93
CA LEU A 98 4.05 -15.93 8.55
C LEU A 98 3.54 -14.70 7.84
N TRP A 99 2.89 -13.80 8.57
CA TRP A 99 2.40 -12.55 7.98
C TRP A 99 3.66 -11.82 7.46
N ASP A 100 4.68 -11.76 8.33
CA ASP A 100 5.94 -11.10 7.98
C ASP A 100 6.67 -11.81 6.84
N LYS A 101 6.67 -13.14 6.85
CA LYS A 101 7.34 -13.89 5.78
C LYS A 101 6.70 -13.59 4.43
N LEU A 102 5.37 -13.58 4.37
CA LEU A 102 4.68 -13.31 3.11
C LEU A 102 4.89 -11.86 2.68
N CYS A 103 4.98 -10.96 3.64
CA CYS A 103 5.20 -9.55 3.33
C CYS A 103 6.62 -9.41 2.76
N TRP A 104 7.58 -10.09 3.38
CA TRP A 104 8.95 -10.03 2.88
C TRP A 104 9.04 -10.67 1.49
N ALA A 105 8.25 -11.71 1.25
CA ALA A 105 8.25 -12.37 -0.04
C ALA A 105 7.86 -11.40 -1.15
N GLY A 106 7.21 -10.29 -0.77
CA GLY A 106 6.82 -9.29 -1.74
C GLY A 106 7.16 -7.91 -1.20
N ALA A 107 8.36 -7.81 -0.62
CA ALA A 107 8.83 -6.57 -0.01
C ALA A 107 8.77 -5.32 -0.87
N SER A 108 9.02 -5.45 -2.18
CA SER A 108 8.97 -4.25 -3.00
C SER A 108 7.55 -3.73 -3.16
N ALA A 109 6.57 -4.51 -2.68
CA ALA A 109 5.17 -4.13 -2.76
C ALA A 109 4.72 -3.33 -1.53
N GLY A 110 5.57 -3.25 -0.51
CA GLY A 110 5.22 -2.48 0.68
C GLY A 110 4.45 -3.21 1.76
N ARG A 111 4.01 -2.46 2.77
CA ARG A 111 3.28 -3.04 3.89
C ARG A 111 1.79 -2.67 3.92
N SER A 112 1.26 -2.26 2.78
CA SER A 112 -0.15 -1.89 2.71
C SER A 112 -0.66 -2.02 1.30
N GLY A 113 -1.97 -1.99 1.13
CA GLY A 113 -2.54 -2.11 -0.19
C GLY A 113 -2.87 -3.52 -0.62
N LEU A 114 -2.88 -3.75 -1.92
CA LEU A 114 -3.23 -5.06 -2.47
C LEU A 114 -2.42 -6.24 -1.97
N SER A 115 -1.10 -6.09 -1.81
CA SER A 115 -0.29 -7.22 -1.38
C SER A 115 -0.62 -7.67 0.06
N THR A 116 -0.77 -6.73 0.98
CA THR A 116 -1.07 -7.10 2.35
C THR A 116 -2.52 -7.54 2.51
N GLN A 117 -3.40 -7.09 1.61
CA GLN A 117 -4.80 -7.51 1.67
C GLN A 117 -4.84 -8.98 1.24
N ALA A 118 -3.99 -9.34 0.29
CA ALA A 118 -3.92 -10.72 -0.16
C ALA A 118 -3.43 -11.54 1.04
N ILE A 119 -2.40 -11.03 1.70
CA ILE A 119 -1.83 -11.70 2.87
C ILE A 119 -2.93 -11.87 3.93
N GLY A 120 -3.78 -10.86 4.06
CA GLY A 120 -4.85 -10.91 5.04
C GLY A 120 -5.81 -12.07 4.88
N ALA A 121 -6.05 -12.50 3.65
CA ALA A 121 -6.96 -13.63 3.43
C ALA A 121 -6.37 -14.87 4.09
N PHE A 122 -5.06 -15.03 3.96
CA PHE A 122 -4.36 -16.16 4.56
C PHE A 122 -4.33 -16.00 6.08
N ASP A 123 -4.06 -14.78 6.52
CA ASP A 123 -3.99 -14.45 7.94
C ASP A 123 -5.30 -14.81 8.64
N VAL A 124 -6.42 -14.43 8.05
CA VAL A 124 -7.71 -14.73 8.68
C VAL A 124 -7.91 -16.25 8.77
N ALA A 125 -7.56 -16.94 7.69
CA ALA A 125 -7.69 -18.39 7.65
C ALA A 125 -6.85 -19.03 8.77
N LEU A 126 -5.64 -18.52 9.00
CA LEU A 126 -4.78 -19.07 10.05
C LEU A 126 -5.41 -18.87 11.42
N TRP A 127 -6.02 -17.71 11.64
CA TRP A 127 -6.67 -17.43 12.92
C TRP A 127 -7.88 -18.35 13.09
N ASP A 128 -8.63 -18.55 12.02
CA ASP A 128 -9.80 -19.42 12.02
C ASP A 128 -9.36 -20.82 12.41
N LEU A 129 -8.26 -21.27 11.81
CA LEU A 129 -7.71 -22.58 12.07
C LEU A 129 -7.24 -22.72 13.52
N LYS A 130 -6.55 -21.71 14.04
CA LYS A 130 -6.08 -21.79 15.43
C LYS A 130 -7.26 -21.84 16.40
N ALA A 131 -8.28 -21.03 16.14
CA ALA A 131 -9.45 -21.01 17.01
C ALA A 131 -10.11 -22.40 17.03
N LYS A 132 -10.33 -22.96 15.84
CA LYS A 132 -10.93 -24.28 15.69
C LYS A 132 -10.11 -25.33 16.43
N ARG A 133 -8.79 -25.17 16.40
CA ARG A 133 -7.88 -26.10 17.05
C ARG A 133 -8.20 -26.16 18.54
N ALA A 134 -8.61 -25.02 19.11
CA ALA A 134 -8.94 -24.97 20.54
C ALA A 134 -10.42 -25.21 20.81
N GLY A 135 -11.20 -25.44 19.74
CA GLY A 135 -12.63 -25.66 19.90
C GLY A 135 -13.32 -24.40 20.40
N LEU A 136 -12.76 -23.24 20.03
CA LEU A 136 -13.32 -21.97 20.47
C LEU A 136 -13.68 -21.06 19.32
N SER A 137 -14.66 -20.20 19.53
CA SER A 137 -15.03 -19.24 18.51
C SER A 137 -13.82 -18.30 18.45
N LEU A 138 -13.70 -17.50 17.41
CA LEU A 138 -12.57 -16.58 17.32
C LEU A 138 -12.63 -15.62 18.49
N ALA A 139 -13.84 -15.18 18.84
CA ALA A 139 -14.00 -14.25 19.96
C ALA A 139 -13.47 -14.83 21.27
N LYS A 140 -13.73 -16.11 21.52
CA LYS A 140 -13.28 -16.74 22.75
C LYS A 140 -11.79 -17.03 22.72
N LEU A 141 -11.23 -17.28 21.53
CA LEU A 141 -9.80 -17.54 21.44
C LEU A 141 -9.07 -16.27 21.84
N LEU A 142 -9.54 -15.14 21.32
CA LEU A 142 -8.93 -13.85 21.63
C LEU A 142 -9.25 -13.43 23.05
N GLY A 143 -10.44 -13.85 23.52
CA GLY A 143 -10.89 -13.50 24.84
C GLY A 143 -11.92 -12.39 24.63
N SER A 144 -13.16 -12.59 25.08
CA SER A 144 -14.17 -11.56 24.85
C SER A 144 -14.58 -10.80 26.10
N TYR A 145 -15.24 -9.67 25.88
CA TYR A 145 -15.74 -8.82 26.97
C TYR A 145 -17.25 -8.84 26.98
N ARG A 146 -17.84 -9.36 25.91
CA ARG A 146 -19.28 -9.40 25.78
C ARG A 146 -19.73 -10.53 24.84
N ASP A 147 -20.96 -10.99 25.02
CA ASP A 147 -21.47 -12.07 24.17
C ASP A 147 -22.35 -11.54 23.03
N SER A 148 -22.52 -10.22 22.97
CA SER A 148 -23.31 -9.59 21.91
C SER A 148 -22.77 -8.17 21.75
N VAL A 149 -22.90 -7.62 20.55
CA VAL A 149 -22.39 -6.29 20.24
C VAL A 149 -23.44 -5.33 19.68
N ARG A 150 -23.41 -4.08 20.13
CA ARG A 150 -24.38 -3.09 19.63
C ARG A 150 -24.27 -3.05 18.12
N CYS A 151 -25.42 -3.02 17.43
CA CYS A 151 -25.41 -2.98 15.98
C CYS A 151 -26.31 -1.88 15.45
N TYR A 152 -26.09 -1.52 14.19
CA TYR A 152 -26.86 -0.49 13.51
C TYR A 152 -26.87 -0.84 12.04
N ASN A 153 -27.77 -0.21 11.29
CA ASN A 153 -27.85 -0.43 9.86
C ASN A 153 -28.35 0.82 9.14
N THR A 154 -28.30 0.79 7.81
CA THR A 154 -28.76 1.93 7.00
C THR A 154 -30.19 1.67 6.53
N SER A 155 -30.65 0.45 6.75
CA SER A 155 -31.99 0.04 6.35
C SER A 155 -32.15 0.23 4.84
N GLY A 156 -31.07 -0.08 4.11
CA GLY A 156 -31.08 0.04 2.67
C GLY A 156 -31.29 1.46 2.18
N GLY A 157 -30.86 2.43 2.98
CA GLY A 157 -31.03 3.82 2.59
C GLY A 157 -29.80 4.47 2.01
N PHE A 158 -30.00 5.22 0.93
CA PHE A 158 -28.93 5.94 0.26
C PHE A 158 -29.42 7.36 0.07
N LEU A 159 -28.57 8.23 -0.44
CA LEU A 159 -28.94 9.61 -0.66
C LEU A 159 -30.16 9.75 -1.58
N HIS A 160 -30.29 8.83 -2.52
CA HIS A 160 -31.40 8.85 -3.48
C HIS A 160 -32.68 8.19 -2.97
N THR A 161 -32.62 7.54 -1.81
CA THR A 161 -33.81 6.89 -1.26
C THR A 161 -34.79 7.94 -0.72
N PRO A 162 -36.03 7.95 -1.25
CA PRO A 162 -37.04 8.91 -0.78
C PRO A 162 -37.22 8.82 0.73
N ILE A 163 -37.17 9.97 1.39
CA ILE A 163 -37.31 10.06 2.84
C ILE A 163 -38.34 9.12 3.44
N ASP A 164 -39.59 9.22 2.98
CA ASP A 164 -40.68 8.39 3.50
C ASP A 164 -40.41 6.89 3.40
N GLN A 165 -39.70 6.46 2.36
CA GLN A 165 -39.37 5.04 2.21
C GLN A 165 -38.33 4.64 3.24
N LEU A 166 -37.28 5.45 3.34
CA LEU A 166 -36.21 5.20 4.29
C LEU A 166 -36.77 5.23 5.71
N MSE A 167 -37.83 6.00 5.90
CA MSE A 167 -38.48 6.11 7.21
C MSE A 167 -39.20 4.83 7.64
O MSE A 167 -39.13 4.44 8.80
CB MSE A 167 -39.46 7.28 7.21
CG MSE A 167 -38.78 8.63 7.29
SE MSE A 167 -39.99 10.10 6.98
CE MSE A 167 -40.76 10.27 8.73
N VAL A 168 -39.88 4.19 6.69
CA VAL A 168 -40.59 2.95 7.00
C VAL A 168 -39.60 1.78 7.04
N ASN A 169 -38.52 1.90 6.26
CA ASN A 169 -37.48 0.87 6.23
C ASN A 169 -36.73 0.86 7.57
N ALA A 170 -36.38 2.06 8.04
CA ALA A 170 -35.67 2.21 9.30
C ALA A 170 -36.53 1.67 10.44
N SER A 171 -37.78 2.13 10.50
CA SER A 171 -38.69 1.68 11.55
C SER A 171 -38.81 0.16 11.51
N ALA A 172 -38.69 -0.43 10.32
CA ALA A 172 -38.77 -1.87 10.16
C ALA A 172 -37.53 -2.52 10.75
N SER A 173 -36.36 -1.93 10.48
CA SER A 173 -35.10 -2.46 11.00
C SER A 173 -35.12 -2.43 12.52
N ILE A 174 -35.75 -1.41 13.08
CA ILE A 174 -35.82 -1.28 14.53
C ILE A 174 -36.70 -2.38 15.13
N GLU A 175 -37.80 -2.69 14.45
CA GLU A 175 -38.72 -3.72 14.95
C GLU A 175 -38.09 -5.10 14.84
N ARG A 176 -37.11 -5.26 13.96
CA ARG A 176 -36.44 -6.55 13.79
C ARG A 176 -35.27 -6.69 14.77
N GLY A 177 -34.99 -5.64 15.54
CA GLY A 177 -33.92 -5.73 16.51
C GLY A 177 -32.67 -4.88 16.30
N ILE A 178 -32.60 -4.12 15.22
CA ILE A 178 -31.44 -3.27 14.96
C ILE A 178 -31.32 -2.23 16.07
N GLY A 179 -30.09 -1.93 16.48
CA GLY A 179 -29.89 -0.97 17.55
C GLY A 179 -29.60 0.48 17.17
N GLY A 180 -29.57 0.77 15.88
CA GLY A 180 -29.31 2.13 15.43
C GLY A 180 -29.42 2.27 13.93
N ILE A 181 -29.51 3.51 13.46
CA ILE A 181 -29.64 3.80 12.04
C ILE A 181 -28.57 4.76 11.53
N LYS A 182 -27.85 4.37 10.48
CA LYS A 182 -26.84 5.26 9.91
C LYS A 182 -27.40 5.87 8.63
N LEU A 183 -27.45 7.19 8.56
CA LEU A 183 -27.98 7.87 7.39
C LEU A 183 -26.87 8.44 6.52
N LYS A 184 -26.99 8.22 5.21
CA LYS A 184 -26.02 8.74 4.27
C LYS A 184 -26.30 10.21 4.01
N VAL A 185 -25.25 11.03 4.10
CA VAL A 185 -25.37 12.46 3.86
C VAL A 185 -24.18 12.88 3.00
N GLY A 186 -23.99 14.18 2.83
CA GLY A 186 -22.86 14.64 2.03
C GLY A 186 -23.19 15.04 0.61
N GLN A 187 -24.42 15.48 0.38
CA GLN A 187 -24.82 15.91 -0.95
C GLN A 187 -24.69 17.44 -1.03
N PRO A 188 -24.39 17.96 -2.23
CA PRO A 188 -24.23 19.40 -2.45
C PRO A 188 -25.24 20.29 -1.73
N ASP A 189 -26.46 19.80 -1.57
CA ASP A 189 -27.50 20.60 -0.90
C ASP A 189 -27.65 20.20 0.57
N GLY A 190 -26.76 20.72 1.42
CA GLY A 190 -26.80 20.41 2.83
C GLY A 190 -28.16 20.54 3.50
N ALA A 191 -28.97 21.49 3.02
CA ALA A 191 -30.30 21.69 3.58
C ALA A 191 -31.11 20.40 3.46
N LEU A 192 -30.89 19.67 2.38
CA LEU A 192 -31.59 18.42 2.15
C LEU A 192 -31.25 17.39 3.22
N ASP A 193 -29.96 17.19 3.47
CA ASP A 193 -29.53 16.24 4.48
C ASP A 193 -30.17 16.59 5.81
N ILE A 194 -30.02 17.85 6.22
CA ILE A 194 -30.57 18.31 7.48
C ILE A 194 -32.07 18.00 7.55
N ALA A 195 -32.75 18.14 6.42
CA ALA A 195 -34.18 17.88 6.34
C ALA A 195 -34.44 16.38 6.51
N ARG A 196 -33.71 15.58 5.74
CA ARG A 196 -33.85 14.13 5.79
C ARG A 196 -33.58 13.57 7.18
N VAL A 197 -32.51 14.05 7.83
CA VAL A 197 -32.15 13.59 9.17
C VAL A 197 -33.20 14.04 10.17
N THR A 198 -33.71 15.25 9.99
CA THR A 198 -34.75 15.78 10.89
C THR A 198 -35.99 14.90 10.75
N ALA A 199 -36.30 14.54 9.50
CA ALA A 199 -37.46 13.71 9.20
C ALA A 199 -37.33 12.32 9.82
N VAL A 200 -36.14 11.74 9.73
CA VAL A 200 -35.89 10.41 10.29
C VAL A 200 -35.99 10.47 11.82
N ARG A 201 -35.36 11.48 12.41
CA ARG A 201 -35.38 11.65 13.86
C ARG A 201 -36.80 11.79 14.40
N LYS A 202 -37.64 12.57 13.72
CA LYS A 202 -39.01 12.78 14.17
C LYS A 202 -39.83 11.50 14.06
N HIS A 203 -39.53 10.71 13.04
CA HIS A 203 -40.24 9.45 12.81
C HIS A 203 -39.91 8.36 13.83
N LEU A 204 -38.61 8.07 13.98
CA LEU A 204 -38.17 7.03 14.89
C LEU A 204 -38.22 7.43 16.36
N GLY A 205 -37.97 8.71 16.64
CA GLY A 205 -38.00 9.18 18.01
C GLY A 205 -36.59 9.41 18.56
N ASP A 206 -36.51 10.16 19.66
CA ASP A 206 -35.24 10.48 20.28
C ASP A 206 -34.55 9.29 20.96
N ALA A 207 -35.26 8.18 21.10
CA ALA A 207 -34.71 6.99 21.73
C ALA A 207 -33.94 6.06 20.78
N VAL A 208 -34.02 6.33 19.48
CA VAL A 208 -33.32 5.49 18.51
C VAL A 208 -32.00 6.15 18.12
N PRO A 209 -30.86 5.49 18.44
CA PRO A 209 -29.55 6.05 18.10
C PRO A 209 -29.44 6.33 16.61
N LEU A 210 -28.90 7.51 16.27
CA LEU A 210 -28.73 7.89 14.88
C LEU A 210 -27.31 8.37 14.58
N MSE A 211 -26.79 7.96 13.42
CA MSE A 211 -25.46 8.39 13.00
C MSE A 211 -25.52 8.77 11.53
O MSE A 211 -26.43 8.34 10.81
CB MSE A 211 -24.41 7.28 13.21
CG MSE A 211 -24.84 5.87 12.85
SE MSE A 211 -25.67 4.97 14.36
CE MSE A 211 -24.16 3.94 15.07
N VAL A 212 -24.58 9.59 11.07
CA VAL A 212 -24.56 9.99 9.66
C VAL A 212 -23.19 9.68 9.07
N ASP A 213 -23.18 9.47 7.75
CA ASP A 213 -21.95 9.16 7.02
C ASP A 213 -21.87 10.12 5.84
N ALA A 214 -20.85 10.99 5.84
CA ALA A 214 -20.69 11.98 4.76
C ALA A 214 -19.82 11.47 3.62
N ASN A 215 -19.22 10.30 3.80
CA ASN A 215 -18.37 9.68 2.79
C ASN A 215 -17.35 10.61 2.13
N GLN A 216 -16.55 11.29 2.96
CA GLN A 216 -15.51 12.20 2.47
C GLN A 216 -16.00 13.26 1.48
N GLN A 217 -17.27 13.63 1.57
CA GLN A 217 -17.81 14.62 0.63
C GLN A 217 -17.65 16.09 1.01
N TRP A 218 -17.35 16.38 2.25
CA TRP A 218 -17.21 17.77 2.68
C TRP A 218 -15.78 18.31 2.73
N ASP A 219 -15.62 19.59 2.40
CA ASP A 219 -14.30 20.21 2.51
C ASP A 219 -14.29 20.74 3.95
N ARG A 220 -13.14 21.17 4.45
CA ARG A 220 -13.08 21.64 5.83
C ARG A 220 -14.16 22.67 6.19
N PRO A 221 -14.33 23.72 5.35
CA PRO A 221 -15.35 24.73 5.65
C PRO A 221 -16.77 24.14 5.75
N THR A 222 -17.13 23.31 4.78
CA THR A 222 -18.46 22.71 4.78
C THR A 222 -18.65 21.77 5.96
N ALA A 223 -17.66 20.93 6.24
CA ALA A 223 -17.75 20.00 7.36
C ALA A 223 -17.96 20.79 8.66
N GLN A 224 -17.26 21.91 8.77
CA GLN A 224 -17.35 22.75 9.95
C GLN A 224 -18.80 23.22 10.18
N ARG A 225 -19.43 23.71 9.13
CA ARG A 225 -20.81 24.20 9.20
C ARG A 225 -21.83 23.08 9.44
N MSE A 226 -21.66 21.95 8.77
CA MSE A 226 -22.59 20.83 8.93
C MSE A 226 -22.51 20.21 10.33
O MSE A 226 -23.53 19.86 10.91
CB MSE A 226 -22.33 19.76 7.87
CG MSE A 226 -22.69 20.19 6.47
SE MSE A 226 -24.54 20.77 6.32
CE MSE A 226 -25.37 19.05 5.99
N CYS A 227 -21.29 20.06 10.85
CA CYS A 227 -21.13 19.50 12.19
C CYS A 227 -21.82 20.42 13.20
N ARG A 228 -21.66 21.73 12.99
CA ARG A 228 -22.26 22.72 13.87
C ARG A 228 -23.78 22.51 13.93
N ILE A 229 -24.39 22.38 12.77
CA ILE A 229 -25.83 22.19 12.67
C ILE A 229 -26.29 20.88 13.31
N PHE A 230 -25.52 19.82 13.10
CA PHE A 230 -25.87 18.50 13.65
C PHE A 230 -25.71 18.37 15.16
N GLU A 231 -24.95 19.26 15.79
CA GLU A 231 -24.72 19.20 17.23
C GLU A 231 -25.96 18.94 18.08
N PRO A 232 -27.05 19.71 17.87
CA PRO A 232 -28.27 19.51 18.65
C PRO A 232 -28.90 18.12 18.49
N PHE A 233 -28.65 17.49 17.35
CA PHE A 233 -29.20 16.17 17.04
C PHE A 233 -28.72 15.05 17.97
N ASN A 234 -27.57 15.23 18.61
CA ASN A 234 -27.02 14.21 19.49
C ASN A 234 -26.80 12.89 18.76
N LEU A 235 -26.18 12.97 17.59
CA LEU A 235 -25.91 11.78 16.80
C LEU A 235 -24.84 10.95 17.51
N VAL A 236 -24.83 9.65 17.25
CA VAL A 236 -23.83 8.77 17.85
C VAL A 236 -22.48 9.22 17.30
N TRP A 237 -22.46 9.51 16.00
CA TRP A 237 -21.23 9.99 15.37
C TRP A 237 -21.47 10.57 13.98
N ILE A 238 -20.47 11.30 13.50
CA ILE A 238 -20.48 11.87 12.16
C ILE A 238 -19.29 11.16 11.53
N GLU A 239 -19.58 10.33 10.53
CA GLU A 239 -18.58 9.50 9.86
C GLU A 239 -17.97 10.08 8.58
N GLU A 240 -16.66 9.99 8.47
CA GLU A 240 -15.92 10.47 7.30
C GLU A 240 -16.35 11.84 6.79
N PRO A 241 -16.36 12.86 7.65
CA PRO A 241 -16.78 14.18 7.18
C PRO A 241 -15.81 14.76 6.15
N LEU A 242 -14.54 14.36 6.23
CA LEU A 242 -13.51 14.86 5.32
C LEU A 242 -12.75 13.74 4.61
N ASP A 243 -11.80 14.13 3.77
CA ASP A 243 -10.97 13.15 3.07
C ASP A 243 -10.37 12.24 4.14
N ALA A 244 -10.38 10.94 3.89
CA ALA A 244 -9.86 9.96 4.82
C ALA A 244 -8.44 10.27 5.33
N TYR A 245 -7.68 10.99 4.53
CA TYR A 245 -6.30 11.31 4.91
C TYR A 245 -6.06 12.67 5.52
N ASP A 246 -7.12 13.46 5.71
CA ASP A 246 -6.99 14.78 6.31
C ASP A 246 -7.07 14.64 7.83
N HIS A 247 -5.99 14.12 8.42
CA HIS A 247 -5.92 13.89 9.85
C HIS A 247 -6.02 15.16 10.69
N GLU A 248 -5.35 16.23 10.27
CA GLU A 248 -5.40 17.49 10.99
C GLU A 248 -6.83 18.02 10.94
N GLY A 249 -7.46 17.88 9.78
CA GLY A 249 -8.83 18.34 9.61
C GLY A 249 -9.78 17.63 10.55
N HIS A 250 -9.68 16.30 10.61
CA HIS A 250 -10.54 15.52 11.49
C HIS A 250 -10.26 15.84 12.95
N ALA A 251 -9.00 15.99 13.32
CA ALA A 251 -8.65 16.31 14.71
C ALA A 251 -9.25 17.64 15.13
N ALA A 252 -9.25 18.61 14.22
CA ALA A 252 -9.80 19.94 14.50
C ALA A 252 -11.30 19.84 14.76
N LEU A 253 -12.00 19.02 13.97
CA LEU A 253 -13.42 18.84 14.15
C LEU A 253 -13.71 18.17 15.49
N ALA A 254 -12.95 17.13 15.82
CA ALA A 254 -13.14 16.41 17.08
C ALA A 254 -12.87 17.29 18.30
N LEU A 255 -11.92 18.22 18.19
CA LEU A 255 -11.61 19.08 19.31
C LEU A 255 -12.72 20.10 19.53
N GLN A 256 -13.31 20.58 18.43
CA GLN A 256 -14.35 21.59 18.47
C GLN A 256 -15.75 21.10 18.84
N PHE A 257 -16.16 19.97 18.29
CA PHE A 257 -17.52 19.46 18.52
C PHE A 257 -17.75 18.35 19.54
N ASP A 258 -18.94 18.38 20.14
CA ASP A 258 -19.34 17.36 21.11
C ASP A 258 -19.57 16.03 20.40
N THR A 259 -20.19 16.11 19.23
CA THR A 259 -20.48 14.91 18.45
C THR A 259 -19.22 14.15 18.04
N PRO A 260 -19.18 12.85 18.33
CA PRO A 260 -18.01 12.04 17.99
C PRO A 260 -17.78 12.02 16.48
N ILE A 261 -16.51 12.02 16.10
CA ILE A 261 -16.11 11.94 14.71
C ILE A 261 -15.60 10.52 14.52
N ALA A 262 -16.07 9.86 13.47
CA ALA A 262 -15.65 8.50 13.19
C ALA A 262 -14.96 8.45 11.85
N THR A 263 -13.82 7.77 11.79
CA THR A 263 -13.10 7.66 10.53
C THR A 263 -12.11 6.50 10.57
N GLY A 264 -11.52 6.18 9.43
CA GLY A 264 -10.55 5.10 9.37
C GLY A 264 -10.90 3.94 8.44
N GLU A 265 -12.16 3.86 8.01
CA GLU A 265 -12.59 2.77 7.14
C GLU A 265 -11.82 2.66 5.83
N MSE A 266 -11.24 3.77 5.37
CA MSE A 266 -10.50 3.76 4.10
C MSE A 266 -9.04 3.38 4.21
O MSE A 266 -8.40 3.04 3.21
CB MSE A 266 -10.60 5.14 3.43
CG MSE A 266 -12.01 5.58 3.12
SE MSE A 266 -12.91 4.30 1.98
CE MSE A 266 -11.85 4.57 0.37
N LEU A 267 -8.50 3.43 5.43
CA LEU A 267 -7.09 3.14 5.66
C LEU A 267 -6.73 1.68 5.40
N THR A 268 -5.51 1.43 4.95
CA THR A 268 -5.08 0.08 4.62
C THR A 268 -3.87 -0.47 5.36
N SER A 269 -3.51 0.12 6.49
CA SER A 269 -2.36 -0.38 7.25
C SER A 269 -2.36 0.10 8.69
N ALA A 270 -1.63 -0.60 9.55
CA ALA A 270 -1.54 -0.24 10.95
C ALA A 270 -0.88 1.14 11.06
N ALA A 271 0.10 1.38 10.20
CA ALA A 271 0.82 2.66 10.21
C ALA A 271 -0.11 3.85 9.94
N GLU A 272 -1.03 3.72 8.99
CA GLU A 272 -1.95 4.82 8.69
C GLU A 272 -2.87 5.09 9.87
N HIS A 273 -3.33 4.03 10.53
CA HIS A 273 -4.21 4.17 11.69
C HIS A 273 -3.42 4.81 12.83
N GLY A 274 -2.13 4.47 12.89
CA GLY A 274 -1.28 5.03 13.93
C GLY A 274 -1.17 6.54 13.75
N ASP A 275 -1.08 6.98 12.50
CA ASP A 275 -0.96 8.41 12.22
C ASP A 275 -2.25 9.12 12.62
N LEU A 276 -3.38 8.50 12.28
CA LEU A 276 -4.69 9.04 12.60
C LEU A 276 -4.81 9.17 14.13
N ILE A 277 -4.37 8.14 14.84
CA ILE A 277 -4.42 8.12 16.30
C ILE A 277 -3.47 9.15 16.91
N ARG A 278 -2.33 9.35 16.26
CA ARG A 278 -1.35 10.32 16.75
C ARG A 278 -1.96 11.72 16.71
N HIS A 279 -2.77 11.99 15.69
CA HIS A 279 -3.43 13.29 15.54
C HIS A 279 -4.67 13.43 16.42
N ARG A 280 -5.10 12.32 17.03
CA ARG A 280 -6.32 12.32 17.85
C ARG A 280 -7.44 12.76 16.89
N ALA A 281 -7.46 12.14 15.72
CA ALA A 281 -8.40 12.47 14.67
C ALA A 281 -9.71 11.68 14.68
N ALA A 282 -9.89 10.79 15.64
CA ALA A 282 -11.13 10.01 15.69
C ALA A 282 -11.55 9.57 17.08
N ASP A 283 -12.83 9.79 17.37
CA ASP A 283 -13.41 9.40 18.65
C ASP A 283 -13.72 7.91 18.51
N TYR A 284 -14.23 7.54 17.33
CA TYR A 284 -14.54 6.15 16.98
C TYR A 284 -13.62 5.76 15.83
N LEU A 285 -12.69 4.84 16.07
CA LEU A 285 -11.80 4.39 15.02
C LEU A 285 -12.52 3.26 14.27
N MSE A 286 -12.45 3.29 12.94
CA MSE A 286 -13.14 2.28 12.15
C MSE A 286 -12.26 1.42 11.27
O MSE A 286 -12.36 1.47 10.04
CB MSE A 286 -14.22 2.96 11.30
CG MSE A 286 -15.19 3.79 12.14
SE MSE A 286 -16.65 4.47 11.07
CE MSE A 286 -17.74 2.85 10.92
N PRO A 287 -11.39 0.61 11.89
CA PRO A 287 -10.50 -0.25 11.11
C PRO A 287 -11.31 -1.34 10.41
N ASP A 288 -10.82 -1.75 9.24
CA ASP A 288 -11.45 -2.79 8.44
C ASP A 288 -10.40 -3.89 8.34
N ALA A 289 -10.60 -4.99 9.07
CA ALA A 289 -9.63 -6.09 9.09
C ALA A 289 -9.12 -6.52 7.70
N PRO A 290 -10.03 -6.96 6.82
CA PRO A 290 -9.59 -7.38 5.48
C PRO A 290 -8.81 -6.30 4.73
N ARG A 291 -9.24 -5.06 4.89
CA ARG A 291 -8.59 -3.95 4.21
C ARG A 291 -7.20 -3.59 4.74
N VAL A 292 -6.95 -3.82 6.03
CA VAL A 292 -5.65 -3.49 6.61
C VAL A 292 -4.64 -4.63 6.61
N GLY A 293 -5.05 -5.80 6.13
CA GLY A 293 -4.14 -6.93 6.09
C GLY A 293 -4.48 -8.11 6.97
N GLY A 294 -5.72 -8.15 7.46
CA GLY A 294 -6.11 -9.27 8.30
C GLY A 294 -6.25 -8.98 9.78
N ILE A 295 -6.46 -10.05 10.54
CA ILE A 295 -6.64 -9.95 11.98
C ILE A 295 -5.37 -9.52 12.70
N THR A 296 -4.22 -10.01 12.24
CA THR A 296 -2.95 -9.68 12.86
C THR A 296 -2.72 -8.17 12.91
N PRO A 297 -2.78 -7.47 11.76
CA PRO A 297 -2.57 -6.02 11.85
C PRO A 297 -3.72 -5.31 12.56
N PHE A 298 -4.92 -5.87 12.45
CA PHE A 298 -6.10 -5.31 13.11
C PHE A 298 -5.89 -5.30 14.63
N LEU A 299 -5.33 -6.36 15.17
CA LEU A 299 -5.09 -6.44 16.61
C LEU A 299 -4.08 -5.38 17.05
N LYS A 300 -3.09 -5.11 16.22
CA LYS A 300 -2.10 -4.09 16.56
C LYS A 300 -2.79 -2.73 16.60
N ILE A 301 -3.69 -2.51 15.65
CA ILE A 301 -4.43 -1.25 15.59
C ILE A 301 -5.34 -1.13 16.81
N ALA A 302 -6.02 -2.22 17.17
CA ALA A 302 -6.92 -2.22 18.33
C ALA A 302 -6.15 -1.91 19.61
N SER A 303 -4.92 -2.41 19.71
CA SER A 303 -4.10 -2.16 20.90
C SER A 303 -3.76 -0.68 20.98
N LEU A 304 -3.45 -0.08 19.84
CA LEU A 304 -3.12 1.35 19.80
C LEU A 304 -4.35 2.18 20.17
N ALA A 305 -5.50 1.81 19.63
CA ALA A 305 -6.75 2.53 19.91
C ALA A 305 -7.13 2.39 21.39
N GLU A 306 -6.93 1.19 21.92
CA GLU A 306 -7.26 0.91 23.32
C GLU A 306 -6.45 1.81 24.24
N HIS A 307 -5.13 1.85 23.99
CA HIS A 307 -4.21 2.66 24.79
C HIS A 307 -4.55 4.15 24.69
N ALA A 308 -4.98 4.58 23.51
CA ALA A 308 -5.31 5.99 23.30
C ALA A 308 -6.67 6.33 23.89
N GLY A 309 -7.36 5.34 24.45
CA GLY A 309 -8.66 5.56 25.05
C GLY A 309 -9.82 5.78 24.09
N LEU A 310 -9.68 5.30 22.86
CA LEU A 310 -10.70 5.48 21.83
C LEU A 310 -11.76 4.37 21.80
N MSE A 311 -12.86 4.65 21.10
CA MSE A 311 -13.96 3.72 20.91
C MSE A 311 -13.72 3.01 19.59
O MSE A 311 -13.02 3.54 18.72
CB MSE A 311 -15.30 4.46 20.83
CG MSE A 311 -15.64 5.35 22.03
SE MSE A 311 -16.10 4.33 23.59
CE MSE A 311 -17.88 3.74 23.09
N LEU A 312 -14.32 1.83 19.43
CA LEU A 312 -14.13 1.06 18.21
C LEU A 312 -15.43 0.79 17.47
N ALA A 313 -15.39 0.96 16.15
CA ALA A 313 -16.55 0.70 15.29
C ALA A 313 -16.00 0.14 13.97
N PRO A 314 -15.60 -1.15 13.97
CA PRO A 314 -15.06 -1.80 12.77
C PRO A 314 -16.01 -1.65 11.60
N HIS A 315 -15.46 -1.51 10.39
CA HIS A 315 -16.26 -1.31 9.19
C HIS A 315 -16.36 -2.53 8.27
N PHE A 316 -17.55 -2.77 7.74
CA PHE A 316 -17.82 -3.88 6.82
C PHE A 316 -17.65 -5.24 7.52
N ALA A 317 -17.67 -6.30 6.72
CA ALA A 317 -17.48 -7.68 7.18
C ALA A 317 -17.88 -7.99 8.61
N MSE A 318 -19.17 -7.92 8.92
CA MSE A 318 -19.63 -8.20 10.27
C MSE A 318 -19.33 -9.65 10.67
O MSE A 318 -19.11 -9.92 11.86
CB MSE A 318 -21.14 -7.95 10.38
CG MSE A 318 -21.98 -8.78 9.43
SE MSE A 318 -23.87 -8.52 9.83
CE MSE A 318 -24.61 -10.04 8.85
N GLU A 319 -19.30 -10.55 9.70
CA GLU A 319 -19.04 -11.97 9.96
C GLU A 319 -17.69 -12.15 10.68
N LEU A 320 -16.77 -11.24 10.39
CA LEU A 320 -15.45 -11.26 11.02
C LEU A 320 -15.37 -10.26 12.18
N HIS A 321 -15.85 -9.05 11.94
CA HIS A 321 -15.75 -8.01 12.97
C HIS A 321 -16.56 -8.22 14.24
N VAL A 322 -17.62 -9.03 14.18
CA VAL A 322 -18.40 -9.27 15.38
C VAL A 322 -17.49 -9.95 16.42
N HIS A 323 -16.58 -10.80 15.94
CA HIS A 323 -15.65 -11.50 16.83
C HIS A 323 -14.60 -10.54 17.38
N LEU A 324 -14.05 -9.71 16.48
CA LEU A 324 -13.03 -8.75 16.87
C LEU A 324 -13.60 -7.69 17.82
N ALA A 325 -14.81 -7.22 17.53
CA ALA A 325 -15.45 -6.22 18.38
C ALA A 325 -15.73 -6.78 19.77
N ALA A 326 -16.06 -8.07 19.85
CA ALA A 326 -16.35 -8.69 21.13
C ALA A 326 -15.12 -8.66 22.03
N ALA A 327 -13.94 -8.67 21.41
CA ALA A 327 -12.67 -8.67 22.15
C ALA A 327 -12.16 -7.29 22.57
N TYR A 328 -12.84 -6.22 22.19
CA TYR A 328 -12.39 -4.86 22.56
C TYR A 328 -12.94 -4.51 23.95
N PRO A 329 -12.09 -3.92 24.82
CA PRO A 329 -12.47 -3.53 26.18
C PRO A 329 -13.70 -2.64 26.31
N ARG A 330 -13.82 -1.63 25.45
CA ARG A 330 -14.96 -0.71 25.53
C ARG A 330 -16.05 -1.06 24.52
N GLU A 331 -17.30 -0.79 24.90
CA GLU A 331 -18.45 -1.10 24.06
C GLU A 331 -18.36 -0.57 22.62
N PRO A 332 -18.17 -1.47 21.65
CA PRO A 332 -18.07 -1.07 20.25
C PRO A 332 -19.43 -1.09 19.54
N TRP A 333 -19.42 -0.71 18.27
CA TRP A 333 -20.60 -0.74 17.42
C TRP A 333 -20.19 -1.47 16.15
N VAL A 334 -21.07 -2.33 15.63
CA VAL A 334 -20.79 -3.05 14.40
C VAL A 334 -22.00 -2.89 13.48
N GLU A 335 -21.74 -2.67 12.18
CA GLU A 335 -22.82 -2.50 11.22
C GLU A 335 -23.38 -3.83 10.75
N HIS A 336 -24.70 -3.95 10.83
CA HIS A 336 -25.36 -5.15 10.38
C HIS A 336 -25.80 -4.96 8.95
N PHE A 337 -25.03 -5.52 8.02
CA PHE A 337 -25.44 -5.35 6.65
C PHE A 337 -25.35 -6.73 5.97
N GLU A 338 -26.39 -7.06 5.19
CA GLU A 338 -26.62 -8.35 4.54
C GLU A 338 -25.91 -8.76 3.24
N TRP A 339 -25.18 -7.85 2.61
CA TRP A 339 -24.55 -8.20 1.30
C TRP A 339 -23.74 -9.50 1.16
N LEU A 340 -22.95 -9.85 2.16
CA LEU A 340 -22.11 -11.04 2.07
C LEU A 340 -22.79 -12.38 2.39
N GLU A 341 -23.97 -12.35 2.99
CA GLU A 341 -24.66 -13.58 3.37
C GLU A 341 -24.70 -14.72 2.35
N PRO A 342 -24.96 -14.42 1.06
CA PRO A 342 -25.01 -15.47 0.03
C PRO A 342 -23.73 -16.32 -0.08
N LEU A 343 -22.62 -15.80 0.39
CA LEU A 343 -21.34 -16.51 0.32
C LEU A 343 -21.18 -17.60 1.36
N PHE A 344 -21.94 -17.51 2.45
CA PHE A 344 -21.84 -18.45 3.55
C PHE A 344 -23.10 -19.22 3.88
N ASN A 345 -22.94 -20.32 4.61
CA ASN A 345 -24.06 -21.16 5.01
C ASN A 345 -24.58 -20.75 6.38
N GLU A 346 -23.82 -19.88 7.06
CA GLU A 346 -24.18 -19.43 8.40
C GLU A 346 -24.74 -18.00 8.40
N ARG A 347 -25.39 -17.62 9.49
CA ARG A 347 -25.98 -16.28 9.57
C ARG A 347 -25.79 -15.66 10.96
N ILE A 348 -25.80 -14.33 10.99
CA ILE A 348 -25.65 -13.59 12.24
C ILE A 348 -27.05 -13.35 12.80
N GLU A 349 -27.20 -13.45 14.11
CA GLU A 349 -28.49 -13.23 14.73
C GLU A 349 -28.49 -11.89 15.46
N ILE A 350 -29.59 -11.15 15.36
CA ILE A 350 -29.69 -9.87 16.04
C ILE A 350 -30.93 -9.86 16.92
N ARG A 351 -30.82 -9.20 18.06
CA ARG A 351 -31.94 -9.08 18.97
C ARG A 351 -31.71 -8.00 19.99
N ASP A 352 -32.79 -7.27 20.30
CA ASP A 352 -32.73 -6.20 21.28
C ASP A 352 -31.62 -5.18 21.03
N GLY A 353 -31.40 -4.84 19.77
CA GLY A 353 -30.40 -3.85 19.42
C GLY A 353 -28.95 -4.31 19.36
N ARG A 354 -28.71 -5.61 19.47
CA ARG A 354 -27.35 -6.12 19.44
C ARG A 354 -27.24 -7.39 18.58
N MSE A 355 -26.08 -7.62 17.97
CA MSE A 355 -25.92 -8.83 17.19
C MSE A 355 -25.17 -9.81 18.07
O MSE A 355 -24.23 -9.44 18.77
CB MSE A 355 -25.14 -8.56 15.88
CG MSE A 355 -23.75 -7.98 16.02
SE MSE A 355 -22.82 -8.06 14.29
CE MSE A 355 -23.99 -6.90 13.24
N LEU A 356 -25.61 -11.07 18.06
CA LEU A 356 -25.00 -12.09 18.89
C LEU A 356 -23.67 -12.54 18.31
N VAL A 357 -22.70 -12.74 19.19
CA VAL A 357 -21.39 -13.20 18.76
C VAL A 357 -21.57 -14.70 18.54
N PRO A 358 -21.24 -15.21 17.34
CA PRO A 358 -21.37 -16.64 17.04
C PRO A 358 -20.61 -17.47 18.07
N THR A 359 -21.14 -18.66 18.38
CA THR A 359 -20.51 -19.53 19.36
C THR A 359 -19.79 -20.73 18.75
N ARG A 360 -19.95 -20.94 17.45
CA ARG A 360 -19.28 -22.06 16.77
C ARG A 360 -17.77 -21.80 16.67
N PRO A 361 -16.97 -22.86 16.48
CA PRO A 361 -15.51 -22.76 16.37
C PRO A 361 -15.00 -21.84 15.25
N GLY A 362 -13.93 -21.09 15.55
CA GLY A 362 -13.34 -20.18 14.58
C GLY A 362 -14.25 -19.05 14.15
N LEU A 363 -14.18 -18.66 12.88
CA LEU A 363 -15.03 -17.60 12.35
C LEU A 363 -16.47 -18.07 12.28
N GLY A 364 -16.67 -19.38 12.19
CA GLY A 364 -18.00 -19.94 12.11
C GLY A 364 -18.59 -19.77 10.71
N LEU A 365 -17.72 -19.85 9.70
CA LEU A 365 -18.15 -19.70 8.32
C LEU A 365 -17.70 -20.84 7.40
N THR A 366 -18.58 -21.21 6.48
CA THR A 366 -18.28 -22.23 5.47
C THR A 366 -18.85 -21.69 4.17
N LEU A 367 -18.18 -21.98 3.06
CA LEU A 367 -18.61 -21.47 1.76
C LEU A 367 -19.89 -22.11 1.25
N SER A 368 -20.81 -21.28 0.77
CA SER A 368 -22.07 -21.77 0.25
C SER A 368 -21.85 -22.37 -1.14
N GLY A 369 -22.87 -23.07 -1.65
CA GLY A 369 -22.74 -23.67 -2.97
C GLY A 369 -22.71 -22.62 -4.06
N GLN A 370 -23.19 -21.42 -3.75
CA GLN A 370 -23.21 -20.31 -4.71
C GLN A 370 -21.84 -19.77 -5.06
N VAL A 371 -20.89 -19.92 -4.13
CA VAL A 371 -19.53 -19.43 -4.36
C VAL A 371 -18.91 -20.00 -5.63
N LYS A 372 -19.10 -21.30 -5.85
CA LYS A 372 -18.55 -21.95 -7.03
C LYS A 372 -18.97 -21.24 -8.31
N ALA A 373 -20.27 -21.00 -8.45
CA ALA A 373 -20.80 -20.33 -9.63
C ALA A 373 -20.28 -18.90 -9.84
N TRP A 374 -19.86 -18.26 -8.76
CA TRP A 374 -19.37 -16.88 -8.87
C TRP A 374 -17.84 -16.77 -8.91
N THR A 375 -17.17 -17.91 -8.86
CA THR A 375 -15.71 -17.92 -8.89
C THR A 375 -15.17 -17.77 -10.31
N ARG A 376 -14.39 -16.71 -10.54
CA ARG A 376 -13.83 -16.45 -11.86
C ARG A 376 -12.37 -16.89 -11.97
N GLU A 377 -11.72 -17.06 -10.82
CA GLU A 377 -10.33 -17.48 -10.79
C GLU A 377 -10.07 -18.31 -9.54
N GLU A 378 -9.15 -19.25 -9.66
CA GLU A 378 -8.78 -20.08 -8.51
C GLU A 378 -7.47 -20.80 -8.78
N ALA A 379 -6.77 -21.14 -7.70
CA ALA A 379 -5.51 -21.83 -7.81
C ALA A 379 -5.24 -22.52 -6.48
N GLN A 380 -4.37 -23.53 -6.51
CA GLN A 380 -4.03 -24.24 -5.30
C GLN A 380 -2.60 -24.76 -5.38
N VAL A 381 -2.01 -25.01 -4.23
CA VAL A 381 -0.65 -25.50 -4.16
C VAL A 381 -0.56 -26.50 -3.03
N GLY A 382 0.34 -27.48 -3.17
CA GLY A 382 0.49 -28.49 -2.14
C GLY A 382 -0.41 -29.68 -2.35
N THR A 383 -0.37 -30.62 -1.42
CA THR A 383 -1.19 -31.82 -1.49
C THR A 383 -2.18 -31.84 -0.33
N ARG A 384 -3.45 -31.87 -0.66
CA ARG A 384 -4.51 -31.87 0.34
C ARG A 384 -4.44 -33.13 1.20
N PRO A 385 -4.56 -32.97 2.54
CA PRO A 385 -4.50 -34.11 3.44
C PRO A 385 -5.66 -35.09 3.24
N PRO B 11 -10.41 19.30 -24.41
CA PRO B 11 -9.12 18.94 -23.77
C PRO B 11 -7.94 19.27 -24.68
N SER B 12 -6.72 19.22 -24.12
CA SER B 12 -5.52 19.51 -24.90
C SER B 12 -5.30 18.38 -25.90
N ASP B 13 -5.88 17.22 -25.59
CA ASP B 13 -5.74 16.03 -26.41
C ASP B 13 -6.60 14.98 -25.72
N ARG B 14 -6.55 13.74 -26.19
CA ARG B 14 -7.32 12.70 -25.53
C ARG B 14 -6.73 11.32 -25.79
N ILE B 15 -6.61 10.54 -24.72
CA ILE B 15 -6.06 9.20 -24.78
C ILE B 15 -7.02 8.28 -25.52
N THR B 16 -6.49 7.52 -26.47
CA THR B 16 -7.33 6.61 -27.26
C THR B 16 -6.88 5.16 -27.21
N TRP B 17 -5.65 4.91 -26.78
CA TRP B 17 -5.13 3.55 -26.75
C TRP B 17 -4.14 3.39 -25.60
N VAL B 18 -4.16 2.21 -24.98
CA VAL B 18 -3.25 1.92 -23.87
C VAL B 18 -2.86 0.45 -23.93
N ARG B 19 -1.57 0.17 -23.80
CA ARG B 19 -1.09 -1.20 -23.80
C ARG B 19 -0.18 -1.46 -22.62
N ILE B 20 -0.46 -2.52 -21.87
CA ILE B 20 0.37 -2.87 -20.73
C ILE B 20 0.99 -4.24 -20.97
N SER B 21 2.24 -4.37 -20.56
CA SER B 21 2.97 -5.61 -20.75
C SER B 21 3.71 -5.97 -19.47
N SER B 22 3.71 -7.26 -19.13
CA SER B 22 4.43 -7.72 -17.96
C SER B 22 5.65 -8.46 -18.52
N CYS B 23 6.80 -7.81 -18.42
CA CYS B 23 8.06 -8.33 -18.95
C CYS B 23 9.00 -8.82 -17.86
N TYR B 24 9.39 -10.09 -17.93
CA TYR B 24 10.29 -10.66 -16.92
C TYR B 24 11.74 -10.63 -17.38
N LEU B 25 12.49 -9.71 -16.77
CA LEU B 25 13.90 -9.50 -17.06
C LEU B 25 14.79 -10.50 -16.32
N PRO B 26 15.46 -11.40 -17.06
CA PRO B 26 16.33 -12.38 -16.39
C PRO B 26 17.63 -11.69 -16.02
N LEU B 27 18.17 -12.03 -14.85
CA LEU B 27 19.41 -11.42 -14.40
C LEU B 27 20.61 -12.29 -14.75
N ALA B 28 21.66 -11.68 -15.28
CA ALA B 28 22.87 -12.39 -15.67
C ALA B 28 23.43 -13.20 -14.51
N THR B 29 23.22 -12.70 -13.29
CA THR B 29 23.70 -13.39 -12.10
C THR B 29 22.69 -13.31 -10.97
N PRO B 30 22.40 -14.46 -10.32
CA PRO B 30 21.44 -14.48 -9.21
C PRO B 30 21.88 -13.52 -8.11
N ILE B 31 20.91 -12.91 -7.43
CA ILE B 31 21.21 -11.95 -6.37
C ILE B 31 20.75 -12.45 -5.01
N MSE B 44 17.06 -13.86 -6.09
CA MSE B 44 16.75 -12.92 -7.14
C MSE B 44 17.37 -13.34 -8.47
O MSE B 44 18.55 -13.13 -8.70
CB MSE B 44 17.27 -11.52 -6.77
CG MSE B 44 16.33 -10.67 -5.94
SE MSE B 44 15.16 -9.58 -7.05
CE MSE B 44 16.50 -8.42 -7.83
N THR B 45 16.56 -13.95 -9.33
CA THR B 45 17.04 -14.41 -10.63
C THR B 45 16.40 -13.63 -11.77
N GLU B 46 15.40 -12.81 -11.43
CA GLU B 46 14.71 -12.01 -12.43
C GLU B 46 13.97 -10.85 -11.77
N ILE B 47 13.52 -9.91 -12.60
CA ILE B 47 12.78 -8.75 -12.13
C ILE B 47 11.58 -8.54 -13.05
N ALA B 48 10.39 -8.43 -12.46
CA ALA B 48 9.17 -8.23 -13.23
C ALA B 48 9.01 -6.76 -13.57
N ILE B 49 8.94 -6.43 -14.86
CA ILE B 49 8.80 -5.04 -15.27
C ILE B 49 7.43 -4.83 -15.90
N LEU B 50 6.70 -3.83 -15.45
CA LEU B 50 5.40 -3.53 -16.02
C LEU B 50 5.53 -2.33 -16.95
N PHE B 51 5.35 -2.55 -18.24
CA PHE B 51 5.44 -1.46 -19.20
C PHE B 51 4.05 -0.96 -19.55
N ALA B 52 3.93 0.35 -19.69
CA ALA B 52 2.67 0.98 -20.06
C ALA B 52 2.94 1.87 -21.27
N GLU B 53 2.13 1.72 -22.30
CA GLU B 53 2.26 2.52 -23.50
C GLU B 53 0.94 3.26 -23.66
N ILE B 54 1.03 4.56 -23.92
CA ILE B 54 -0.15 5.39 -24.08
C ILE B 54 -0.05 6.21 -25.37
N GLU B 55 -1.14 6.23 -26.13
CA GLU B 55 -1.18 6.99 -27.38
C GLU B 55 -2.46 7.80 -27.44
N THR B 56 -2.41 8.95 -28.07
CA THR B 56 -3.55 9.85 -28.15
C THR B 56 -4.09 10.08 -29.54
N ALA B 57 -5.28 10.69 -29.62
CA ALA B 57 -5.90 10.99 -30.90
C ALA B 57 -5.00 11.94 -31.67
N GLY B 58 -4.23 12.74 -30.94
CA GLY B 58 -3.33 13.69 -31.56
C GLY B 58 -2.04 13.07 -32.07
N GLY B 59 -1.90 11.76 -31.87
CA GLY B 59 -0.71 11.07 -32.33
C GLY B 59 0.48 11.14 -31.38
N HIS B 60 0.25 11.53 -30.14
CA HIS B 60 1.33 11.61 -29.16
C HIS B 60 1.46 10.25 -28.48
N GLN B 61 2.68 9.92 -28.03
CA GLN B 61 2.88 8.64 -27.38
C GLN B 61 3.78 8.73 -26.17
N GLY B 62 3.54 7.86 -25.21
CA GLY B 62 4.34 7.85 -24.01
C GLY B 62 4.64 6.42 -23.55
N LEU B 63 5.78 6.24 -22.91
CA LEU B 63 6.21 4.95 -22.41
C LEU B 63 6.63 5.12 -20.96
N GLY B 64 6.17 4.22 -20.10
CA GLY B 64 6.51 4.28 -18.70
C GLY B 64 6.61 2.88 -18.12
N PHE B 65 7.07 2.75 -16.88
CA PHE B 65 7.16 1.42 -16.29
C PHE B 65 7.24 1.43 -14.77
N SER B 66 6.93 0.27 -14.20
CA SER B 66 7.02 0.07 -12.76
C SER B 66 7.70 -1.30 -12.68
N TYR B 67 7.99 -1.77 -11.47
CA TYR B 67 8.67 -3.05 -11.35
C TYR B 67 8.45 -3.69 -9.99
N SER B 68 8.77 -4.98 -9.91
CA SER B 68 8.67 -5.71 -8.66
C SER B 68 9.89 -6.62 -8.55
N LYS B 69 10.59 -6.51 -7.43
CA LYS B 69 11.74 -7.38 -7.16
C LYS B 69 11.06 -8.44 -6.27
N ARG B 70 11.06 -9.68 -6.72
CA ARG B 70 10.40 -10.77 -6.00
C ARG B 70 8.90 -10.64 -6.24
N ALA B 71 8.06 -11.14 -5.34
CA ALA B 71 6.61 -11.10 -5.57
C ALA B 71 6.02 -9.71 -5.82
N GLY B 72 5.14 -9.62 -6.82
CA GLY B 72 4.51 -8.35 -7.13
C GLY B 72 4.16 -8.15 -8.59
N GLY B 73 4.94 -8.75 -9.49
CA GLY B 73 4.70 -8.61 -10.92
C GLY B 73 3.29 -8.93 -11.36
N PRO B 74 2.79 -10.14 -11.08
CA PRO B 74 1.42 -10.53 -11.46
C PRO B 74 0.36 -9.58 -10.92
N GLY B 75 0.51 -9.15 -9.67
CA GLY B 75 -0.46 -8.25 -9.07
C GLY B 75 -0.50 -6.89 -9.73
N GLN B 76 0.68 -6.34 -10.02
CA GLN B 76 0.75 -5.04 -10.68
C GLN B 76 0.09 -5.10 -12.05
N PHE B 77 0.39 -6.15 -12.81
CA PHE B 77 -0.19 -6.27 -14.15
C PHE B 77 -1.70 -6.41 -14.10
N ALA B 78 -2.18 -7.30 -13.23
CA ALA B 78 -3.62 -7.54 -13.10
C ALA B 78 -4.37 -6.25 -12.78
N HIS B 79 -3.83 -5.47 -11.86
CA HIS B 79 -4.48 -4.22 -11.49
C HIS B 79 -4.42 -3.22 -12.63
N ALA B 80 -3.26 -3.11 -13.26
CA ALA B 80 -3.07 -2.20 -14.38
C ALA B 80 -4.09 -2.49 -15.48
N ARG B 81 -4.29 -3.78 -15.77
CA ARG B 81 -5.24 -4.20 -16.79
C ARG B 81 -6.66 -3.80 -16.42
N GLU B 82 -6.98 -3.94 -15.14
CA GLU B 82 -8.33 -3.60 -14.68
C GLU B 82 -8.65 -2.11 -14.71
N ILE B 83 -7.68 -1.26 -14.38
CA ILE B 83 -7.94 0.19 -14.39
C ILE B 83 -7.59 0.92 -15.68
N ALA B 84 -6.85 0.28 -16.57
CA ALA B 84 -6.46 0.92 -17.84
C ALA B 84 -7.62 1.61 -18.58
N PRO B 85 -8.79 0.96 -18.66
CA PRO B 85 -9.92 1.57 -19.38
C PRO B 85 -10.27 2.98 -18.87
N ALA B 86 -9.98 3.27 -17.61
CA ALA B 86 -10.30 4.57 -17.06
C ALA B 86 -9.52 5.72 -17.68
N LEU B 87 -8.48 5.40 -18.44
CA LEU B 87 -7.66 6.43 -19.09
C LEU B 87 -8.19 6.85 -20.46
N ILE B 88 -8.92 5.95 -21.10
CA ILE B 88 -9.45 6.26 -22.43
C ILE B 88 -10.37 7.47 -22.44
N GLY B 89 -10.12 8.38 -23.38
CA GLY B 89 -10.94 9.58 -23.50
C GLY B 89 -10.48 10.76 -22.67
N GLU B 90 -9.57 10.52 -21.73
CA GLU B 90 -9.05 11.56 -20.85
C GLU B 90 -7.94 12.41 -21.46
N ASP B 91 -7.84 13.66 -20.98
CA ASP B 91 -6.80 14.59 -21.44
C ASP B 91 -5.49 14.17 -20.76
N PRO B 92 -4.52 13.68 -21.54
CA PRO B 92 -3.22 13.24 -21.01
C PRO B 92 -2.39 14.29 -20.27
N SER B 93 -2.68 15.56 -20.49
CA SER B 93 -1.93 16.63 -19.84
C SER B 93 -2.27 16.79 -18.35
N ASP B 94 -3.44 16.33 -17.95
CA ASP B 94 -3.87 16.44 -16.55
C ASP B 94 -3.37 15.21 -15.79
N ILE B 95 -2.06 15.09 -15.71
CA ILE B 95 -1.39 13.95 -15.08
C ILE B 95 -1.76 13.65 -13.63
N ALA B 96 -1.71 14.67 -12.77
CA ALA B 96 -2.04 14.48 -11.35
C ALA B 96 -3.50 14.09 -11.20
N LYS B 97 -4.36 14.76 -11.97
CA LYS B 97 -5.80 14.49 -11.94
C LYS B 97 -6.07 13.02 -12.28
N LEU B 98 -5.39 12.51 -13.31
CA LEU B 98 -5.56 11.12 -13.72
C LEU B 98 -4.96 10.14 -12.72
N TRP B 99 -3.89 10.54 -12.05
CA TRP B 99 -3.29 9.68 -11.03
C TRP B 99 -4.38 9.49 -9.97
N ASP B 100 -5.03 10.59 -9.58
CA ASP B 100 -6.10 10.56 -8.60
C ASP B 100 -7.31 9.74 -9.07
N LYS B 101 -7.66 9.87 -10.34
CA LYS B 101 -8.80 9.13 -10.87
C LYS B 101 -8.54 7.63 -10.83
N LEU B 102 -7.34 7.21 -11.21
CA LEU B 102 -7.01 5.78 -11.20
C LEU B 102 -6.94 5.28 -9.77
N CYS B 103 -6.49 6.12 -8.86
CA CYS B 103 -6.41 5.74 -7.46
C CYS B 103 -7.82 5.55 -6.93
N TRP B 104 -8.72 6.47 -7.27
CA TRP B 104 -10.12 6.35 -6.81
C TRP B 104 -10.78 5.13 -7.42
N ALA B 105 -10.41 4.80 -8.66
CA ALA B 105 -10.98 3.64 -9.33
C ALA B 105 -10.70 2.37 -8.53
N GLY B 106 -9.67 2.42 -7.69
CA GLY B 106 -9.32 1.27 -6.86
C GLY B 106 -9.11 1.74 -5.43
N ALA B 107 -10.02 2.58 -4.96
CA ALA B 107 -9.94 3.16 -3.62
C ALA B 107 -9.74 2.19 -2.46
N SER B 108 -10.37 1.02 -2.50
CA SER B 108 -10.21 0.10 -1.38
C SER B 108 -8.82 -0.52 -1.36
N ALA B 109 -8.03 -0.25 -2.39
CA ALA B 109 -6.67 -0.76 -2.48
C ALA B 109 -5.66 0.18 -1.82
N GLY B 110 -6.10 1.38 -1.47
CA GLY B 110 -5.22 2.34 -0.81
C GLY B 110 -4.40 3.26 -1.68
N ARG B 111 -3.49 4.01 -1.06
CA ARG B 111 -2.64 4.96 -1.78
C ARG B 111 -1.18 4.54 -1.87
N SER B 112 -0.90 3.25 -1.71
CA SER B 112 0.46 2.77 -1.79
C SER B 112 0.46 1.29 -2.12
N GLY B 113 1.62 0.75 -2.48
CA GLY B 113 1.68 -0.66 -2.79
C GLY B 113 1.46 -0.99 -4.25
N LEU B 114 1.03 -2.21 -4.52
CA LEU B 114 0.81 -2.68 -5.88
C LEU B 114 -0.09 -1.82 -6.77
N SER B 115 -1.21 -1.34 -6.24
CA SER B 115 -2.12 -0.55 -7.06
C SER B 115 -1.55 0.78 -7.52
N THR B 116 -0.88 1.51 -6.63
CA THR B 116 -0.31 2.79 -7.04
C THR B 116 0.96 2.58 -7.88
N GLN B 117 1.59 1.43 -7.75
CA GLN B 117 2.79 1.14 -8.55
C GLN B 117 2.31 0.89 -9.98
N ALA B 118 1.14 0.27 -10.11
CA ALA B 118 0.58 0.02 -11.44
C ALA B 118 0.22 1.38 -12.05
N ILE B 119 -0.36 2.25 -11.23
CA ILE B 119 -0.73 3.60 -11.66
C ILE B 119 0.55 4.31 -12.10
N GLY B 120 1.63 4.08 -11.36
CA GLY B 120 2.91 4.71 -11.67
C GLY B 120 3.40 4.44 -13.08
N ALA B 121 3.17 3.24 -13.61
CA ALA B 121 3.62 2.92 -14.96
C ALA B 121 2.93 3.89 -15.93
N PHE B 122 1.63 4.11 -15.73
CA PHE B 122 0.87 5.01 -16.58
C PHE B 122 1.33 6.44 -16.36
N ASP B 123 1.57 6.79 -15.10
CA ASP B 123 2.02 8.12 -14.74
C ASP B 123 3.32 8.49 -15.45
N VAL B 124 4.28 7.57 -15.45
CA VAL B 124 5.56 7.84 -16.10
C VAL B 124 5.36 8.03 -17.60
N ALA B 125 4.47 7.23 -18.18
CA ALA B 125 4.19 7.32 -19.60
C ALA B 125 3.60 8.70 -19.93
N LEU B 126 2.69 9.20 -19.11
CA LEU B 126 2.08 10.50 -19.35
C LEU B 126 3.12 11.61 -19.26
N TRP B 127 4.07 11.48 -18.33
CA TRP B 127 5.11 12.50 -18.23
C TRP B 127 6.02 12.45 -19.46
N ASP B 128 6.33 11.23 -19.92
CA ASP B 128 7.15 11.02 -21.09
C ASP B 128 6.47 11.68 -22.29
N LEU B 129 5.17 11.46 -22.40
CA LEU B 129 4.37 12.03 -23.48
C LEU B 129 4.34 13.55 -23.45
N LYS B 130 4.17 14.14 -22.27
CA LYS B 130 4.12 15.60 -22.16
C LYS B 130 5.48 16.20 -22.52
N ALA B 131 6.55 15.57 -22.06
CA ALA B 131 7.90 16.06 -22.34
C ALA B 131 8.14 16.04 -23.86
N LYS B 132 7.80 14.93 -24.51
CA LYS B 132 7.97 14.80 -25.96
C LYS B 132 7.14 15.84 -26.69
N ARG B 133 5.95 16.13 -26.15
CA ARG B 133 5.08 17.12 -26.75
C ARG B 133 5.79 18.46 -26.86
N ALA B 134 6.64 18.76 -25.88
CA ALA B 134 7.38 20.01 -25.86
C ALA B 134 8.75 19.91 -26.53
N GLY B 135 9.09 18.71 -27.00
CA GLY B 135 10.38 18.50 -27.63
C GLY B 135 11.51 18.62 -26.63
N LEU B 136 11.22 18.30 -25.38
CA LEU B 136 12.21 18.40 -24.31
C LEU B 136 12.43 17.09 -23.59
N SER B 137 13.64 16.93 -23.05
CA SER B 137 13.93 15.74 -22.27
C SER B 137 13.06 15.92 -21.02
N LEU B 138 12.87 14.86 -20.25
CA LEU B 138 12.07 14.97 -19.04
C LEU B 138 12.74 15.97 -18.11
N ALA B 139 14.08 15.92 -18.06
CA ALA B 139 14.82 16.84 -17.18
C ALA B 139 14.55 18.31 -17.52
N LYS B 140 14.51 18.62 -18.82
CA LYS B 140 14.28 20.00 -19.24
C LYS B 140 12.82 20.43 -19.09
N LEU B 141 11.89 19.48 -19.19
CA LEU B 141 10.48 19.83 -19.02
C LEU B 141 10.30 20.26 -17.56
N LEU B 142 10.87 19.50 -16.64
CA LEU B 142 10.77 19.82 -15.22
C LEU B 142 11.63 21.03 -14.89
N GLY B 143 12.72 21.19 -15.63
CA GLY B 143 13.65 22.27 -15.39
C GLY B 143 14.82 21.64 -14.66
N SER B 144 16.03 21.74 -15.19
CA SER B 144 17.17 21.14 -14.53
C SER B 144 18.12 22.13 -13.88
N TYR B 145 18.98 21.61 -13.01
CA TYR B 145 19.97 22.40 -12.30
C TYR B 145 21.37 22.00 -12.77
N ARG B 146 21.46 20.88 -13.47
CA ARG B 146 22.73 20.35 -13.95
C ARG B 146 22.53 19.46 -15.18
N ASP B 147 23.58 19.32 -15.99
CA ASP B 147 23.47 18.50 -17.18
C ASP B 147 24.09 17.11 -16.99
N SER B 148 24.62 16.86 -15.79
CA SER B 148 25.21 15.57 -15.46
C SER B 148 25.06 15.40 -13.95
N VAL B 149 24.98 14.15 -13.51
CA VAL B 149 24.77 13.82 -12.10
C VAL B 149 25.84 12.89 -11.49
N ARG B 150 26.25 13.17 -10.26
CA ARG B 150 27.24 12.34 -9.59
C ARG B 150 26.72 10.90 -9.59
N CYS B 151 27.57 9.95 -9.92
CA CYS B 151 27.15 8.56 -9.95
C CYS B 151 28.13 7.68 -9.19
N TYR B 152 27.66 6.47 -8.84
CA TYR B 152 28.46 5.50 -8.10
C TYR B 152 27.94 4.11 -8.46
N ASN B 153 28.70 3.09 -8.15
CA ASN B 153 28.27 1.74 -8.43
C ASN B 153 28.81 0.75 -7.40
N THR B 154 28.39 -0.50 -7.48
CA THR B 154 28.85 -1.53 -6.56
C THR B 154 29.97 -2.31 -7.23
N SER B 155 30.13 -2.09 -8.53
CA SER B 155 31.16 -2.79 -9.31
C SER B 155 30.91 -4.29 -9.21
N GLY B 156 29.63 -4.65 -9.23
CA GLY B 156 29.26 -6.06 -9.15
C GLY B 156 29.71 -6.71 -7.86
N GLY B 157 29.70 -5.95 -6.77
CA GLY B 157 30.14 -6.49 -5.50
C GLY B 157 29.00 -6.88 -4.56
N PHE B 158 29.16 -8.03 -3.93
CA PHE B 158 28.19 -8.54 -2.97
C PHE B 158 28.96 -9.01 -1.74
N LEU B 159 28.26 -9.32 -0.67
CA LEU B 159 28.92 -9.77 0.55
C LEU B 159 29.78 -11.01 0.30
N HIS B 160 29.38 -11.82 -0.66
CA HIS B 160 30.10 -13.06 -0.98
C HIS B 160 31.21 -12.88 -2.01
N THR B 161 31.43 -11.64 -2.46
CA THR B 161 32.47 -11.36 -3.43
C THR B 161 33.83 -11.21 -2.74
N PRO B 162 34.79 -12.07 -3.09
CA PRO B 162 36.12 -11.99 -2.47
C PRO B 162 36.70 -10.59 -2.66
N ILE B 163 37.11 -9.97 -1.55
CA ILE B 163 37.66 -8.62 -1.58
C ILE B 163 38.62 -8.39 -2.74
N ASP B 164 39.44 -9.40 -3.04
CA ASP B 164 40.43 -9.31 -4.11
C ASP B 164 39.78 -8.91 -5.44
N GLN B 165 38.69 -9.61 -5.77
CA GLN B 165 37.95 -9.36 -7.00
C GLN B 165 37.22 -8.03 -6.96
N LEU B 166 36.59 -7.75 -5.82
CA LEU B 166 35.84 -6.51 -5.64
C LEU B 166 36.80 -5.32 -5.79
N MSE B 167 38.02 -5.48 -5.29
CA MSE B 167 39.04 -4.44 -5.37
C MSE B 167 39.45 -4.11 -6.79
O MSE B 167 39.64 -2.94 -7.15
CB MSE B 167 40.28 -4.84 -4.57
CG MSE B 167 40.11 -4.70 -3.07
SE MSE B 167 41.56 -5.51 -2.11
CE MSE B 167 42.97 -4.26 -2.52
N VAL B 168 39.60 -5.14 -7.63
CA VAL B 168 40.01 -4.94 -9.01
C VAL B 168 38.82 -4.46 -9.86
N ASN B 169 37.62 -4.87 -9.49
CA ASN B 169 36.42 -4.46 -10.22
C ASN B 169 36.10 -2.99 -9.94
N ALA B 170 36.27 -2.58 -8.68
CA ALA B 170 36.01 -1.21 -8.29
C ALA B 170 36.99 -0.29 -9.01
N SER B 171 38.24 -0.75 -9.13
CA SER B 171 39.28 0.03 -9.80
C SER B 171 38.91 0.26 -11.26
N ALA B 172 38.37 -0.78 -11.89
CA ALA B 172 37.96 -0.68 -13.30
C ALA B 172 36.83 0.31 -13.45
N SER B 173 35.85 0.24 -12.54
CA SER B 173 34.71 1.16 -12.59
C SER B 173 35.21 2.60 -12.54
N ILE B 174 36.07 2.88 -11.57
CA ILE B 174 36.63 4.22 -11.44
C ILE B 174 37.31 4.63 -12.74
N GLU B 175 38.05 3.69 -13.32
CA GLU B 175 38.76 3.94 -14.57
C GLU B 175 37.83 4.32 -15.71
N ARG B 176 36.65 3.73 -15.74
CA ARG B 176 35.71 4.04 -16.81
C ARG B 176 34.80 5.23 -16.51
N GLY B 177 35.06 5.94 -15.42
CA GLY B 177 34.27 7.11 -15.10
C GLY B 177 33.31 7.12 -13.93
N ILE B 178 33.18 6.01 -13.20
CA ILE B 178 32.27 5.98 -12.06
C ILE B 178 32.78 6.93 -10.98
N GLY B 179 31.88 7.64 -10.32
CA GLY B 179 32.28 8.61 -9.31
C GLY B 179 32.32 8.16 -7.86
N GLY B 180 31.95 6.90 -7.60
CA GLY B 180 31.94 6.39 -6.24
C GLY B 180 31.65 4.92 -6.19
N ILE B 181 31.92 4.29 -5.05
CA ILE B 181 31.70 2.86 -4.86
C ILE B 181 30.83 2.56 -3.63
N LYS B 182 29.77 1.79 -3.82
CA LYS B 182 28.91 1.42 -2.70
C LYS B 182 29.22 -0.04 -2.34
N LEU B 183 29.58 -0.27 -1.09
CA LEU B 183 29.92 -1.62 -0.64
C LEU B 183 28.80 -2.23 0.19
N LYS B 184 28.50 -3.50 -0.06
CA LYS B 184 27.48 -4.21 0.69
C LYS B 184 28.07 -4.65 2.02
N VAL B 185 27.34 -4.38 3.11
CA VAL B 185 27.76 -4.79 4.45
C VAL B 185 26.53 -5.30 5.17
N GLY B 186 26.66 -5.61 6.45
CA GLY B 186 25.52 -6.10 7.20
C GLY B 186 25.51 -7.60 7.44
N GLN B 187 26.70 -8.20 7.49
CA GLN B 187 26.80 -9.64 7.72
C GLN B 187 27.09 -9.87 9.20
N PRO B 188 26.60 -11.00 9.76
CA PRO B 188 26.79 -11.35 11.16
C PRO B 188 28.17 -11.00 11.73
N ASP B 189 29.22 -11.20 10.94
CA ASP B 189 30.57 -10.89 11.41
C ASP B 189 30.96 -9.46 11.03
N GLY B 190 30.69 -8.52 11.93
CA GLY B 190 31.01 -7.12 11.67
C GLY B 190 32.46 -6.85 11.37
N ALA B 191 33.35 -7.60 12.02
CA ALA B 191 34.78 -7.44 11.81
C ALA B 191 35.12 -7.68 10.35
N LEU B 192 34.33 -8.51 9.69
CA LEU B 192 34.54 -8.83 8.28
C LEU B 192 34.30 -7.58 7.42
N ASP B 193 33.14 -6.96 7.59
CA ASP B 193 32.81 -5.77 6.82
C ASP B 193 33.87 -4.70 7.00
N ILE B 194 34.26 -4.45 8.25
CA ILE B 194 35.27 -3.44 8.54
C ILE B 194 36.56 -3.75 7.78
N ALA B 195 36.92 -5.03 7.73
CA ALA B 195 38.13 -5.45 7.03
C ALA B 195 37.97 -5.20 5.53
N ARG B 196 36.86 -5.66 4.97
CA ARG B 196 36.59 -5.49 3.55
C ARG B 196 36.61 -4.01 3.16
N VAL B 197 35.95 -3.16 3.95
CA VAL B 197 35.90 -1.73 3.68
C VAL B 197 37.29 -1.13 3.82
N THR B 198 38.03 -1.56 4.83
CA THR B 198 39.38 -1.06 5.05
C THR B 198 40.24 -1.41 3.83
N ALA B 199 40.04 -2.63 3.33
CA ALA B 199 40.78 -3.13 2.17
C ALA B 199 40.49 -2.31 0.91
N VAL B 200 39.22 -2.03 0.68
CA VAL B 200 38.81 -1.25 -0.49
C VAL B 200 39.33 0.18 -0.40
N ARG B 201 39.22 0.79 0.77
CA ARG B 201 39.70 2.15 0.96
C ARG B 201 41.20 2.25 0.71
N LYS B 202 41.96 1.28 1.20
CA LYS B 202 43.42 1.32 1.01
C LYS B 202 43.77 1.15 -0.47
N HIS B 203 42.98 0.35 -1.18
CA HIS B 203 43.22 0.10 -2.59
C HIS B 203 42.93 1.31 -3.49
N LEU B 204 41.71 1.82 -3.41
CA LEU B 204 41.29 2.95 -4.23
C LEU B 204 41.87 4.29 -3.79
N GLY B 205 42.13 4.43 -2.50
CA GLY B 205 42.68 5.68 -1.98
C GLY B 205 41.60 6.51 -1.33
N ASP B 206 42.00 7.47 -0.51
CA ASP B 206 41.05 8.33 0.20
C ASP B 206 40.26 9.26 -0.71
N ALA B 207 40.76 9.49 -1.93
CA ALA B 207 40.10 10.37 -2.88
C ALA B 207 38.87 9.78 -3.58
N VAL B 208 38.66 8.48 -3.47
CA VAL B 208 37.50 7.85 -4.10
C VAL B 208 36.33 7.78 -3.12
N PRO B 209 35.21 8.45 -3.45
CA PRO B 209 34.04 8.43 -2.56
C PRO B 209 33.60 6.99 -2.28
N LEU B 210 33.30 6.71 -1.02
CA LEU B 210 32.87 5.37 -0.62
C LEU B 210 31.63 5.43 0.27
N MSE B 211 30.70 4.50 0.02
CA MSE B 211 29.49 4.42 0.82
C MSE B 211 29.19 2.95 1.11
O MSE B 211 29.70 2.07 0.41
CB MSE B 211 28.28 5.06 0.11
CG MSE B 211 28.14 4.74 -1.38
SE MSE B 211 29.12 6.01 -2.47
CE MSE B 211 27.68 7.25 -2.92
N VAL B 212 28.41 2.68 2.14
CA VAL B 212 28.06 1.30 2.47
C VAL B 212 26.54 1.14 2.58
N ASP B 213 26.08 -0.09 2.37
CA ASP B 213 24.67 -0.42 2.40
C ASP B 213 24.51 -1.64 3.30
N ALA B 214 23.84 -1.48 4.44
CA ALA B 214 23.65 -2.58 5.38
C ALA B 214 22.37 -3.37 5.13
N ASN B 215 21.57 -2.91 4.18
CA ASN B 215 20.31 -3.57 3.83
C ASN B 215 19.44 -3.99 5.01
N GLN B 216 19.22 -3.08 5.95
CA GLN B 216 18.37 -3.35 7.12
C GLN B 216 18.83 -4.54 7.95
N GLN B 217 20.12 -4.87 7.91
CA GLN B 217 20.61 -6.03 8.66
C GLN B 217 20.99 -5.80 10.12
N TRP B 218 21.06 -4.55 10.55
CA TRP B 218 21.44 -4.26 11.93
C TRP B 218 20.29 -3.89 12.85
N ASP B 219 20.41 -4.29 14.12
CA ASP B 219 19.40 -3.90 15.11
C ASP B 219 19.96 -2.59 15.64
N ARG B 220 19.19 -1.85 16.44
CA ARG B 220 19.70 -0.58 16.94
C ARG B 220 21.07 -0.65 17.60
N PRO B 221 21.28 -1.60 18.52
CA PRO B 221 22.59 -1.71 19.19
C PRO B 221 23.74 -1.95 18.20
N THR B 222 23.54 -2.88 17.28
CA THR B 222 24.58 -3.19 16.31
C THR B 222 24.85 -2.01 15.40
N ALA B 223 23.78 -1.37 14.91
CA ALA B 223 23.93 -0.21 14.04
C ALA B 223 24.73 0.87 14.74
N GLN B 224 24.42 1.08 16.02
CA GLN B 224 25.10 2.07 16.84
C GLN B 224 26.60 1.83 16.86
N ARG B 225 26.98 0.57 17.10
CA ARG B 225 28.38 0.19 17.18
C ARG B 225 29.11 0.27 15.83
N MSE B 226 28.45 -0.18 14.77
CA MSE B 226 29.04 -0.14 13.43
C MSE B 226 29.20 1.28 12.91
O MSE B 226 30.20 1.61 12.28
CB MSE B 226 28.21 -0.97 12.44
CG MSE B 226 28.25 -2.46 12.69
SE MSE B 226 30.06 -3.18 12.70
CE MSE B 226 30.34 -3.34 10.79
N CYS B 227 28.20 2.14 13.15
CA CYS B 227 28.31 3.52 12.70
C CYS B 227 29.50 4.18 13.40
N ARG B 228 29.66 3.88 14.68
CA ARG B 228 30.77 4.43 15.45
C ARG B 228 32.11 4.05 14.81
N ILE B 229 32.25 2.78 14.46
CA ILE B 229 33.47 2.28 13.83
C ILE B 229 33.75 2.92 12.47
N PHE B 230 32.69 3.11 11.68
CA PHE B 230 32.83 3.69 10.34
C PHE B 230 33.10 5.19 10.30
N GLU B 231 32.85 5.90 11.40
CA GLU B 231 33.04 7.35 11.44
C GLU B 231 34.35 7.86 10.85
N PRO B 232 35.49 7.26 11.25
CA PRO B 232 36.80 7.70 10.73
C PRO B 232 36.95 7.51 9.22
N PHE B 233 36.18 6.59 8.65
CA PHE B 233 36.22 6.29 7.22
C PHE B 233 35.77 7.44 6.32
N ASN B 234 34.99 8.36 6.87
CA ASN B 234 34.45 9.48 6.10
C ASN B 234 33.67 9.00 4.88
N LEU B 235 32.79 8.03 5.10
CA LEU B 235 31.98 7.51 4.01
C LEU B 235 30.99 8.56 3.54
N VAL B 236 30.53 8.45 2.30
CA VAL B 236 29.55 9.39 1.78
C VAL B 236 28.28 9.19 2.59
N TRP B 237 27.94 7.94 2.86
CA TRP B 237 26.76 7.63 3.66
C TRP B 237 26.71 6.18 4.12
N ILE B 238 25.84 5.91 5.09
CA ILE B 238 25.61 4.57 5.60
C ILE B 238 24.13 4.37 5.27
N GLU B 239 23.88 3.46 4.33
CA GLU B 239 22.53 3.19 3.83
C GLU B 239 21.76 2.05 4.51
N GLU B 240 20.49 2.30 4.82
CA GLU B 240 19.60 1.33 5.46
C GLU B 240 20.23 0.55 6.62
N PRO B 241 20.78 1.26 7.62
CA PRO B 241 21.38 0.52 8.74
C PRO B 241 20.33 -0.26 9.55
N LEU B 242 19.11 0.25 9.57
CA LEU B 242 18.03 -0.38 10.32
C LEU B 242 16.83 -0.72 9.44
N ASP B 243 15.79 -1.28 10.06
CA ASP B 243 14.57 -1.62 9.36
C ASP B 243 14.09 -0.32 8.72
N ALA B 244 13.68 -0.41 7.45
CA ALA B 244 13.19 0.74 6.71
C ALA B 244 12.12 1.55 7.42
N TYR B 245 11.40 0.92 8.35
CA TYR B 245 10.33 1.60 9.06
C TYR B 245 10.67 2.13 10.45
N ASP B 246 11.90 1.90 10.90
CA ASP B 246 12.33 2.37 12.22
C ASP B 246 12.83 3.81 12.10
N HIS B 247 11.89 4.74 11.94
CA HIS B 247 12.23 6.15 11.78
C HIS B 247 12.92 6.78 12.99
N GLU B 248 12.46 6.45 14.19
CA GLU B 248 13.09 6.99 15.39
C GLU B 248 14.52 6.46 15.47
N GLY B 249 14.69 5.20 15.10
CA GLY B 249 16.00 4.59 15.11
C GLY B 249 16.96 5.31 14.19
N HIS B 250 16.52 5.57 12.96
CA HIS B 250 17.34 6.27 11.98
C HIS B 250 17.62 7.71 12.43
N ALA B 251 16.60 8.37 12.97
CA ALA B 251 16.76 9.75 13.43
C ALA B 251 17.83 9.81 14.53
N ALA B 252 17.81 8.84 15.43
CA ALA B 252 18.79 8.80 16.52
C ALA B 252 20.22 8.65 16.00
N LEU B 253 20.38 7.81 14.97
CA LEU B 253 21.70 7.61 14.37
C LEU B 253 22.18 8.90 13.71
N ALA B 254 21.30 9.53 12.93
CA ALA B 254 21.65 10.78 12.23
C ALA B 254 22.02 11.89 13.21
N LEU B 255 21.35 11.92 14.35
CA LEU B 255 21.63 12.97 15.34
C LEU B 255 23.00 12.74 15.97
N GLN B 256 23.33 11.48 16.22
CA GLN B 256 24.59 11.11 16.87
C GLN B 256 25.85 11.14 16.01
N PHE B 257 25.77 10.65 14.78
CA PHE B 257 26.95 10.57 13.93
C PHE B 257 27.14 11.60 12.82
N ASP B 258 28.39 11.85 12.49
CA ASP B 258 28.75 12.80 11.43
C ASP B 258 28.41 12.20 10.08
N THR B 259 28.61 10.88 9.94
CA THR B 259 28.34 10.21 8.67
C THR B 259 26.87 10.25 8.31
N PRO B 260 26.54 10.70 7.09
CA PRO B 260 25.14 10.78 6.67
C PRO B 260 24.47 9.42 6.67
N ILE B 261 23.18 9.43 7.02
CA ILE B 261 22.39 8.22 7.03
C ILE B 261 21.48 8.34 5.82
N ALA B 262 21.39 7.26 5.04
CA ALA B 262 20.56 7.25 3.84
C ALA B 262 19.52 6.16 3.96
N THR B 263 18.28 6.49 3.65
CA THR B 263 17.20 5.51 3.73
C THR B 263 15.99 5.98 2.92
N GLY B 264 15.03 5.08 2.75
CA GLY B 264 13.82 5.42 2.02
C GLY B 264 13.54 4.59 0.78
N GLU B 265 14.55 3.87 0.29
CA GLU B 265 14.38 3.06 -0.90
C GLU B 265 13.27 2.00 -0.82
N MSE B 266 12.93 1.57 0.39
CA MSE B 266 11.88 0.57 0.57
C MSE B 266 10.47 1.13 0.65
O MSE B 266 9.49 0.40 0.48
CB MSE B 266 12.14 -0.24 1.85
CG MSE B 266 13.45 -1.00 1.84
SE MSE B 266 13.53 -2.23 0.35
CE MSE B 266 12.15 -3.46 0.94
N LEU B 267 10.35 2.43 0.90
CA LEU B 267 9.05 3.07 1.03
C LEU B 267 8.25 3.10 -0.27
N THR B 268 6.93 3.07 -0.15
CA THR B 268 6.06 3.03 -1.32
C THR B 268 5.02 4.14 -1.45
N SER B 269 5.19 5.26 -0.76
CA SER B 269 4.23 6.35 -0.86
C SER B 269 4.79 7.66 -0.33
N ALA B 270 4.18 8.75 -0.76
CA ALA B 270 4.61 10.07 -0.32
C ALA B 270 4.41 10.19 1.19
N ALA B 271 3.34 9.56 1.69
CA ALA B 271 3.03 9.61 3.11
C ALA B 271 4.13 8.97 3.97
N GLU B 272 4.66 7.83 3.52
CA GLU B 272 5.71 7.16 4.29
C GLU B 272 6.97 8.02 4.31
N HIS B 273 7.29 8.64 3.17
CA HIS B 273 8.46 9.50 3.08
C HIS B 273 8.23 10.74 3.95
N GLY B 274 6.99 11.19 4.00
CA GLY B 274 6.67 12.35 4.81
C GLY B 274 6.95 12.03 6.27
N ASP B 275 6.61 10.83 6.69
CA ASP B 275 6.82 10.41 8.07
C ASP B 275 8.32 10.36 8.37
N LEU B 276 9.08 9.80 7.43
CA LEU B 276 10.53 9.68 7.56
C LEU B 276 11.13 11.08 7.70
N ILE B 277 10.65 12.02 6.88
CA ILE B 277 11.13 13.39 6.91
C ILE B 277 10.75 14.10 8.20
N ARG B 278 9.54 13.83 8.70
CA ARG B 278 9.08 14.45 9.94
C ARG B 278 10.00 14.06 11.09
N HIS B 279 10.52 12.84 11.02
CA HIS B 279 11.43 12.33 12.05
C HIS B 279 12.88 12.79 11.85
N ARG B 280 13.17 13.41 10.71
CA ARG B 280 14.53 13.83 10.39
C ARG B 280 15.37 12.56 10.45
N ALA B 281 14.83 11.51 9.84
CA ALA B 281 15.44 10.19 9.82
C ALA B 281 16.45 9.95 8.71
N ALA B 282 16.66 10.93 7.83
CA ALA B 282 17.61 10.73 6.74
C ALA B 282 18.30 11.99 6.25
N ASP B 283 19.61 11.88 6.05
CA ASP B 283 20.41 12.98 5.53
C ASP B 283 20.24 12.94 4.02
N TYR B 284 20.23 11.72 3.48
CA TYR B 284 20.02 11.48 2.05
C TYR B 284 18.73 10.68 1.93
N LEU B 285 17.73 11.26 1.29
CA LEU B 285 16.46 10.56 1.10
C LEU B 285 16.58 9.77 -0.19
N MSE B 286 16.16 8.51 -0.18
CA MSE B 286 16.28 7.68 -1.37
C MSE B 286 14.97 7.18 -1.96
O MSE B 286 14.69 5.98 -1.99
CB MSE B 286 17.21 6.50 -1.07
CG MSE B 286 18.56 6.94 -0.55
SE MSE B 286 19.75 5.45 -0.34
CE MSE B 286 20.20 5.19 -2.23
N PRO B 287 14.14 8.12 -2.44
CA PRO B 287 12.86 7.72 -3.03
C PRO B 287 13.06 6.95 -4.33
N ASP B 288 12.15 6.04 -4.61
CA ASP B 288 12.19 5.22 -5.82
C ASP B 288 10.89 5.54 -6.57
N ALA B 289 10.98 6.35 -7.62
CA ALA B 289 9.80 6.75 -8.38
C ALA B 289 8.85 5.60 -8.71
N PRO B 290 9.33 4.55 -9.39
CA PRO B 290 8.43 3.43 -9.73
C PRO B 290 7.76 2.83 -8.49
N ARG B 291 8.53 2.70 -7.41
CA ARG B 291 8.03 2.13 -6.19
C ARG B 291 7.00 2.97 -5.41
N VAL B 292 7.09 4.28 -5.53
CA VAL B 292 6.15 5.15 -4.80
C VAL B 292 4.92 5.57 -5.59
N GLY B 293 4.84 5.16 -6.86
CA GLY B 293 3.68 5.50 -7.65
C GLY B 293 3.94 6.36 -8.87
N GLY B 294 5.20 6.51 -9.24
CA GLY B 294 5.53 7.31 -10.40
C GLY B 294 6.17 8.65 -10.13
N ILE B 295 6.30 9.45 -11.19
CA ILE B 295 6.89 10.77 -11.11
C ILE B 295 6.05 11.76 -10.31
N THR B 296 4.73 11.66 -10.43
CA THR B 296 3.84 12.57 -9.72
C THR B 296 4.06 12.51 -8.20
N PRO B 297 3.98 11.30 -7.59
CA PRO B 297 4.22 11.29 -6.15
C PRO B 297 5.70 11.57 -5.80
N PHE B 298 6.59 11.20 -6.71
CA PHE B 298 8.02 11.43 -6.49
C PHE B 298 8.29 12.95 -6.37
N LEU B 299 7.63 13.75 -7.19
CA LEU B 299 7.82 15.19 -7.15
C LEU B 299 7.32 15.77 -5.83
N LYS B 300 6.23 15.22 -5.30
CA LYS B 300 5.71 15.71 -4.03
C LYS B 300 6.72 15.40 -2.94
N ILE B 301 7.33 14.22 -3.02
CA ILE B 301 8.33 13.80 -2.06
C ILE B 301 9.57 14.68 -2.17
N ALA B 302 10.01 14.94 -3.40
CA ALA B 302 11.19 15.78 -3.62
C ALA B 302 10.95 17.19 -3.09
N SER B 303 9.71 17.66 -3.20
CA SER B 303 9.36 18.98 -2.71
C SER B 303 9.50 19.00 -1.18
N LEU B 304 9.05 17.95 -0.52
CA LEU B 304 9.15 17.86 0.94
C LEU B 304 10.62 17.78 1.39
N ALA B 305 11.42 17.00 0.66
CA ALA B 305 12.83 16.85 1.01
C ALA B 305 13.58 18.16 0.80
N GLU B 306 13.23 18.88 -0.25
CA GLU B 306 13.86 20.14 -0.58
C GLU B 306 13.61 21.15 0.53
N HIS B 307 12.36 21.24 0.96
CA HIS B 307 11.95 22.15 2.02
C HIS B 307 12.63 21.80 3.36
N ALA B 308 12.82 20.50 3.60
CA ALA B 308 13.46 20.06 4.84
C ALA B 308 14.98 20.21 4.77
N GLY B 309 15.48 20.66 3.63
CA GLY B 309 16.92 20.87 3.45
C GLY B 309 17.76 19.61 3.27
N LEU B 310 17.13 18.51 2.86
CA LEU B 310 17.82 17.25 2.69
C LEU B 310 18.48 17.07 1.33
N MSE B 311 19.32 16.04 1.25
CA MSE B 311 20.02 15.67 0.01
C MSE B 311 19.21 14.55 -0.63
O MSE B 311 18.46 13.83 0.06
CB MSE B 311 21.43 15.13 0.32
CG MSE B 311 22.36 16.07 1.08
SE MSE B 311 22.94 17.59 0.06
CE MSE B 311 24.15 16.72 -1.20
N LEU B 312 19.35 14.38 -1.94
CA LEU B 312 18.61 13.35 -2.66
C LEU B 312 19.52 12.32 -3.32
N ALA B 313 19.12 11.05 -3.20
CA ALA B 313 19.86 9.94 -3.79
C ALA B 313 18.83 8.89 -4.24
N PRO B 314 18.10 9.16 -5.34
CA PRO B 314 17.08 8.26 -5.88
C PRO B 314 17.63 6.85 -6.04
N HIS B 315 16.81 5.85 -5.76
CA HIS B 315 17.24 4.46 -5.85
C HIS B 315 16.66 3.68 -7.02
N PHE B 316 17.52 2.87 -7.65
CA PHE B 316 17.16 2.03 -8.79
C PHE B 316 16.91 2.87 -10.03
N ALA B 317 16.37 2.23 -11.07
CA ALA B 317 16.03 2.84 -12.36
C ALA B 317 16.72 4.16 -12.70
N MSE B 318 18.01 4.11 -12.98
CA MSE B 318 18.74 5.33 -13.34
C MSE B 318 18.18 5.96 -14.62
O MSE B 318 18.27 7.17 -14.79
CB MSE B 318 20.23 5.01 -13.56
CG MSE B 318 20.48 3.98 -14.64
SE MSE B 318 22.39 3.76 -14.94
CE MSE B 318 22.34 2.83 -16.67
N GLU B 319 17.61 5.14 -15.51
CA GLU B 319 17.05 5.63 -16.77
C GLU B 319 15.98 6.70 -16.53
N LEU B 320 15.32 6.62 -15.39
CA LEU B 320 14.29 7.59 -15.03
C LEU B 320 14.82 8.60 -14.02
N HIS B 321 15.53 8.11 -13.01
CA HIS B 321 16.04 8.96 -11.96
C HIS B 321 17.10 9.97 -12.36
N VAL B 322 17.84 9.71 -13.44
CA VAL B 322 18.84 10.68 -13.85
C VAL B 322 18.13 11.99 -14.20
N HIS B 323 16.93 11.87 -14.77
CA HIS B 323 16.15 13.07 -15.12
C HIS B 323 15.60 13.76 -13.89
N LEU B 324 15.09 12.96 -12.96
CA LEU B 324 14.51 13.50 -11.73
C LEU B 324 15.59 14.14 -10.87
N ALA B 325 16.74 13.47 -10.78
CA ALA B 325 17.86 13.99 -9.99
C ALA B 325 18.34 15.32 -10.55
N ALA B 326 18.38 15.42 -11.87
CA ALA B 326 18.84 16.64 -12.53
C ALA B 326 17.99 17.84 -12.14
N ALA B 327 16.73 17.59 -11.80
CA ALA B 327 15.80 18.65 -11.41
C ALA B 327 15.83 19.02 -9.92
N TYR B 328 16.66 18.35 -9.14
CA TYR B 328 16.73 18.66 -7.70
C TYR B 328 17.74 19.79 -7.44
N PRO B 329 17.38 20.76 -6.60
CA PRO B 329 18.24 21.91 -6.26
C PRO B 329 19.65 21.58 -5.78
N ARG B 330 19.77 20.62 -4.87
CA ARG B 330 21.09 20.24 -4.33
C ARG B 330 21.71 19.06 -5.05
N GLU B 331 23.03 19.05 -5.17
CA GLU B 331 23.74 17.98 -5.86
C GLU B 331 23.37 16.58 -5.36
N PRO B 332 22.66 15.80 -6.19
CA PRO B 332 22.25 14.45 -5.81
C PRO B 332 23.27 13.40 -6.27
N TRP B 333 22.98 12.15 -5.92
CA TRP B 333 23.81 11.00 -6.33
C TRP B 333 22.84 9.99 -6.94
N VAL B 334 23.22 9.40 -8.06
CA VAL B 334 22.40 8.39 -8.72
C VAL B 334 23.27 7.16 -8.92
N GLU B 335 22.72 5.98 -8.67
CA GLU B 335 23.49 4.75 -8.82
C GLU B 335 23.58 4.28 -10.27
N HIS B 336 24.79 3.96 -10.74
CA HIS B 336 24.97 3.43 -12.09
C HIS B 336 24.65 1.95 -11.94
N PHE B 337 23.52 1.56 -12.52
CA PHE B 337 22.97 0.23 -12.44
C PHE B 337 22.67 -0.24 -13.88
N GLU B 338 23.33 -1.30 -14.34
CA GLU B 338 23.14 -1.77 -15.72
C GLU B 338 22.16 -2.91 -16.01
N TRP B 339 21.51 -3.44 -14.97
CA TRP B 339 20.58 -4.57 -15.15
C TRP B 339 19.41 -4.34 -16.11
N LEU B 340 18.91 -3.11 -16.20
CA LEU B 340 17.77 -2.84 -17.06
C LEU B 340 18.09 -2.56 -18.53
N GLU B 341 19.37 -2.32 -18.84
CA GLU B 341 19.77 -2.00 -20.21
C GLU B 341 19.20 -2.86 -21.35
N PRO B 342 19.17 -4.19 -21.20
CA PRO B 342 18.64 -5.06 -22.25
C PRO B 342 17.20 -4.73 -22.67
N LEU B 343 16.47 -4.05 -21.80
CA LEU B 343 15.08 -3.69 -22.06
C LEU B 343 14.91 -2.53 -23.03
N PHE B 344 15.96 -1.72 -23.15
CA PHE B 344 15.92 -0.53 -23.99
C PHE B 344 16.97 -0.48 -25.10
N ASN B 345 16.75 0.39 -26.07
CA ASN B 345 17.67 0.56 -27.19
C ASN B 345 18.67 1.67 -26.89
N GLU B 346 18.38 2.45 -25.86
CA GLU B 346 19.23 3.58 -25.50
C GLU B 346 20.13 3.25 -24.31
N ARG B 347 21.16 4.06 -24.10
CA ARG B 347 22.10 3.84 -23.01
C ARG B 347 22.51 5.13 -22.34
N ILE B 348 22.90 5.03 -21.08
CA ILE B 348 23.33 6.19 -20.31
C ILE B 348 24.86 6.25 -20.41
N GLU B 349 25.42 7.44 -20.54
CA GLU B 349 26.86 7.52 -20.60
C GLU B 349 27.42 8.20 -19.35
N ILE B 350 28.56 7.72 -18.90
CA ILE B 350 29.21 8.26 -17.72
C ILE B 350 30.55 8.86 -18.10
N ARG B 351 30.93 9.93 -17.41
CA ARG B 351 32.19 10.60 -17.70
C ARG B 351 32.67 11.37 -16.48
N ASP B 352 33.94 11.20 -16.16
CA ASP B 352 34.56 11.89 -15.03
C ASP B 352 33.74 11.88 -13.74
N GLY B 353 33.27 10.70 -13.36
CA GLY B 353 32.51 10.57 -12.12
C GLY B 353 31.06 11.00 -12.19
N ARG B 354 30.60 11.37 -13.36
CA ARG B 354 29.22 11.82 -13.51
C ARG B 354 28.48 11.10 -14.64
N MSE B 355 27.17 11.00 -14.45
CA MSE B 355 26.28 10.37 -15.40
C MSE B 355 25.65 11.50 -16.20
O MSE B 355 25.11 12.44 -15.62
CB MSE B 355 25.22 9.63 -14.60
CG MSE B 355 24.17 8.92 -15.40
SE MSE B 355 22.88 8.24 -14.13
CE MSE B 355 23.94 6.75 -13.41
N LEU B 356 25.72 11.43 -17.53
CA LEU B 356 25.15 12.49 -18.36
C LEU B 356 23.64 12.38 -18.45
N VAL B 357 22.95 13.51 -18.32
CA VAL B 357 21.50 13.51 -18.42
C VAL B 357 21.18 13.44 -19.91
N PRO B 358 20.38 12.45 -20.34
CA PRO B 358 20.02 12.32 -21.75
C PRO B 358 19.39 13.60 -22.29
N THR B 359 19.64 13.90 -23.57
CA THR B 359 19.11 15.11 -24.19
C THR B 359 17.92 14.82 -25.11
N ARG B 360 17.67 13.55 -25.37
CA ARG B 360 16.55 13.13 -26.22
C ARG B 360 15.21 13.50 -25.56
N PRO B 361 14.13 13.61 -26.36
CA PRO B 361 12.81 13.97 -25.83
C PRO B 361 12.23 12.95 -24.84
N GLY B 362 11.54 13.45 -23.82
CA GLY B 362 10.94 12.58 -22.82
C GLY B 362 11.97 11.78 -22.02
N LEU B 363 11.62 10.56 -21.65
CA LEU B 363 12.53 9.70 -20.91
C LEU B 363 13.69 9.27 -21.79
N GLY B 364 13.47 9.32 -23.09
CA GLY B 364 14.51 8.92 -24.04
C GLY B 364 14.67 7.40 -24.09
N LEU B 365 13.57 6.68 -23.94
CA LEU B 365 13.62 5.22 -23.96
C LEU B 365 12.62 4.60 -24.94
N THR B 366 13.03 3.50 -25.56
CA THR B 366 12.19 2.74 -26.49
C THR B 366 12.47 1.28 -26.16
N LEU B 367 11.46 0.44 -26.29
CA LEU B 367 11.60 -0.97 -25.97
C LEU B 367 12.43 -1.74 -26.97
N SER B 368 13.38 -2.53 -26.47
CA SER B 368 14.24 -3.33 -27.33
C SER B 368 13.42 -4.50 -27.90
N GLY B 369 13.99 -5.17 -28.90
CA GLY B 369 13.29 -6.30 -29.49
C GLY B 369 13.27 -7.49 -28.55
N GLN B 370 14.10 -7.43 -27.52
CA GLN B 370 14.18 -8.51 -26.56
C GLN B 370 12.98 -8.52 -25.59
N VAL B 371 12.35 -7.37 -25.42
CA VAL B 371 11.20 -7.27 -24.52
C VAL B 371 10.09 -8.25 -24.90
N LYS B 372 9.84 -8.40 -26.20
CA LYS B 372 8.80 -9.32 -26.65
C LYS B 372 9.01 -10.73 -26.13
N ALA B 373 10.22 -11.25 -26.32
CA ALA B 373 10.54 -12.61 -25.88
C ALA B 373 10.38 -12.81 -24.37
N TRP B 374 10.51 -11.74 -23.60
CA TRP B 374 10.40 -11.84 -22.15
C TRP B 374 9.04 -11.47 -21.59
N THR B 375 8.10 -11.13 -22.47
CA THR B 375 6.76 -10.75 -22.04
C THR B 375 5.89 -11.97 -21.78
N ARG B 376 5.37 -12.06 -20.55
CA ARG B 376 4.54 -13.21 -20.18
C ARG B 376 3.05 -12.87 -20.13
N GLU B 377 2.75 -11.59 -20.06
CA GLU B 377 1.36 -11.13 -20.03
C GLU B 377 1.29 -9.79 -20.75
N GLU B 378 0.15 -9.53 -21.37
CA GLU B 378 -0.07 -8.26 -22.06
C GLU B 378 -1.55 -8.03 -22.29
N ALA B 379 -1.93 -6.77 -22.42
CA ALA B 379 -3.32 -6.40 -22.65
C ALA B 379 -3.35 -5.00 -23.20
N GLN B 380 -4.42 -4.66 -23.91
CA GLN B 380 -4.54 -3.33 -24.45
C GLN B 380 -6.02 -2.99 -24.55
N VAL B 381 -6.31 -1.69 -24.61
CA VAL B 381 -7.68 -1.23 -24.70
C VAL B 381 -7.70 0.03 -25.54
N GLY B 382 -8.81 0.24 -26.24
CA GLY B 382 -8.93 1.42 -27.08
C GLY B 382 -8.53 1.12 -28.52
N THR B 383 -8.52 2.17 -29.34
CA THR B 383 -8.15 2.03 -30.75
C THR B 383 -6.88 2.83 -31.01
N ARG B 384 -5.86 2.15 -31.51
CA ARG B 384 -4.58 2.77 -31.77
C ARG B 384 -4.64 3.77 -32.94
N PRO B 385 -4.06 4.97 -32.76
CA PRO B 385 -4.03 6.02 -33.79
C PRO B 385 -3.08 5.68 -34.92
CA CA C . -15.07 16.28 20.78
CA CA D . 24.45 13.63 11.65
#